data_5ICS
#
_entry.id   5ICS
#
_cell.length_a   77.039
_cell.length_b   92.191
_cell.length_c   87.280
_cell.angle_alpha   90.00
_cell.angle_beta   114.98
_cell.angle_gamma   90.00
#
_symmetry.space_group_name_H-M   'P 1 21 1'
#
loop_
_entity.id
_entity.type
_entity.pdbx_description
1 polymer '17-beta-hydroxysteroid dehydrogenase 14'
2 water water
#
_entity_poly.entity_id   1
_entity_poly.type   'polypeptide(L)'
_entity_poly.pdbx_seq_one_letter_code
;GHMATGTRYAGKVVVVTGGGRGIGAGIVRAFVNSGARVVICDKDESGGRALEQELPGAVFILCDVTQEDDVKTLVSETIR
RFGRLDCVVNNAGHHPPPQRPEETSAQGFRQLLELNLLGTYTLTKLALPYLRKSQGNVINISSLVGAIGQAQAVPYVATK
GAVTAMTKALALDESPYGVRVNCISPGNIWTPLWEELAALMPDPRASIREGMLAQPLGRMGQPAEVGAAAVFLASEANFC
TGIELLVTGGAELGYGCKASRSTPVDAPDIPSGS
;
_entity_poly.pdbx_strand_id   A,C,D,F
#
# COMPACT_ATOMS: atom_id res chain seq x y z
N ALA A 4 -12.67 36.46 13.13
CA ALA A 4 -14.03 35.93 12.98
C ALA A 4 -14.03 34.40 12.89
N THR A 5 -14.92 33.76 13.64
CA THR A 5 -14.97 32.30 13.63
C THR A 5 -15.43 31.80 12.26
N GLY A 6 -14.78 30.74 11.78
CA GLY A 6 -15.18 30.10 10.54
C GLY A 6 -16.48 29.32 10.68
N THR A 7 -16.97 28.80 9.55
CA THR A 7 -18.28 28.17 9.52
C THR A 7 -18.29 26.79 8.90
N ARG A 8 -17.13 26.25 8.51
CA ARG A 8 -17.10 24.98 7.81
C ARG A 8 -17.64 23.83 8.67
N TYR A 9 -17.58 23.95 10.00
CA TYR A 9 -18.11 22.91 10.89
C TYR A 9 -18.90 23.57 12.01
N ALA A 10 -19.63 24.63 11.68
CA ALA A 10 -20.36 25.41 12.68
C ALA A 10 -21.50 24.59 13.27
N GLY A 11 -21.70 24.73 14.58
CA GLY A 11 -22.78 24.06 15.26
C GLY A 11 -22.50 22.61 15.57
N LYS A 12 -21.32 22.11 15.18
N LYS A 12 -21.32 22.11 15.18
CA LYS A 12 -20.95 20.73 15.42
CA LYS A 12 -20.95 20.73 15.42
C LYS A 12 -20.17 20.60 16.72
C LYS A 12 -20.18 20.60 16.73
N VAL A 13 -20.13 19.38 17.24
CA VAL A 13 -19.45 19.06 18.49
C VAL A 13 -18.39 17.99 18.21
N VAL A 14 -17.16 18.26 18.63
CA VAL A 14 -15.99 17.40 18.37
C VAL A 14 -15.31 17.06 19.69
N VAL A 15 -14.95 15.80 19.87
CA VAL A 15 -14.12 15.34 20.97
C VAL A 15 -12.74 15.04 20.41
N VAL A 16 -11.70 15.58 21.05
CA VAL A 16 -10.30 15.29 20.68
C VAL A 16 -9.61 14.73 21.91
N THR A 17 -9.25 13.44 21.86
CA THR A 17 -8.42 12.89 22.93
C THR A 17 -6.95 13.24 22.67
N GLY A 18 -6.19 13.38 23.74
CA GLY A 18 -4.82 13.88 23.60
C GLY A 18 -4.76 15.24 22.97
N GLY A 19 -5.72 16.10 23.27
CA GLY A 19 -5.83 17.39 22.62
C GLY A 19 -5.12 18.53 23.31
N GLY A 20 -4.37 18.27 24.38
CA GLY A 20 -3.85 19.37 25.20
C GLY A 20 -2.69 20.15 24.61
N ARG A 21 -1.90 19.53 23.74
CA ARG A 21 -0.74 20.22 23.16
C ARG A 21 -0.35 19.52 21.86
N GLY A 22 0.69 20.03 21.23
CA GLY A 22 1.28 19.37 20.07
C GLY A 22 0.27 19.16 18.96
N ILE A 23 0.35 17.98 18.35
CA ILE A 23 -0.54 17.64 17.24
C ILE A 23 -2.00 17.79 17.66
N GLY A 24 -2.34 17.25 18.84
CA GLY A 24 -3.71 17.30 19.30
C GLY A 24 -4.24 18.71 19.42
N ALA A 25 -3.43 19.61 19.96
CA ALA A 25 -3.87 21.00 20.08
C ALA A 25 -4.05 21.64 18.72
N GLY A 26 -3.23 21.26 17.74
CA GLY A 26 -3.44 21.76 16.40
C GLY A 26 -4.76 21.31 15.82
N ILE A 27 -5.18 20.10 16.14
CA ILE A 27 -6.48 19.61 15.72
C ILE A 27 -7.60 20.38 16.44
N VAL A 28 -7.47 20.56 17.75
CA VAL A 28 -8.45 21.35 18.51
C VAL A 28 -8.63 22.73 17.87
N ARG A 29 -7.51 23.43 17.66
CA ARG A 29 -7.55 24.79 17.16
C ARG A 29 -8.19 24.85 15.77
N ALA A 30 -7.88 23.87 14.92
CA ALA A 30 -8.47 23.84 13.58
C ALA A 30 -9.98 23.70 13.65
N PHE A 31 -10.47 22.82 14.52
CA PHE A 31 -11.92 22.63 14.62
C PHE A 31 -12.59 23.84 15.28
N VAL A 32 -11.99 24.42 16.32
CA VAL A 32 -12.56 25.62 16.92
C VAL A 32 -12.66 26.72 15.87
N ASN A 33 -11.61 26.90 15.08
CA ASN A 33 -11.62 27.95 14.06
C ASN A 33 -12.61 27.65 12.93
N SER A 34 -13.06 26.40 12.79
N SER A 34 -13.07 26.41 12.80
CA SER A 34 -14.11 26.07 11.83
CA SER A 34 -14.12 26.08 11.83
C SER A 34 -15.52 26.21 12.42
C SER A 34 -15.52 26.19 12.43
N GLY A 35 -15.64 26.64 13.67
CA GLY A 35 -16.94 26.92 14.26
C GLY A 35 -17.46 25.84 15.18
N ALA A 36 -16.68 24.83 15.50
CA ALA A 36 -17.14 23.72 16.31
C ALA A 36 -16.90 23.98 17.79
N ARG A 37 -17.74 23.38 18.63
CA ARG A 37 -17.43 23.22 20.04
C ARG A 37 -16.57 21.98 20.18
N VAL A 38 -15.39 22.13 20.79
CA VAL A 38 -14.41 21.05 20.88
C VAL A 38 -14.19 20.71 22.35
N VAL A 39 -14.36 19.45 22.69
CA VAL A 39 -14.12 18.90 24.01
C VAL A 39 -12.74 18.24 24.00
N ILE A 40 -11.85 18.75 24.85
CA ILE A 40 -10.51 18.20 24.99
C ILE A 40 -10.54 17.15 26.11
N CYS A 41 -10.23 15.90 25.79
CA CYS A 41 -10.08 14.82 26.78
C CYS A 41 -8.58 14.56 26.89
N ASP A 42 -8.00 14.88 28.04
CA ASP A 42 -6.58 14.66 28.23
C ASP A 42 -6.29 14.62 29.71
N LYS A 43 -5.13 14.03 30.04
CA LYS A 43 -4.55 14.09 31.38
C LYS A 43 -3.61 15.28 31.52
N ASP A 44 -3.28 15.92 30.39
CA ASP A 44 -2.39 17.07 30.31
C ASP A 44 -3.21 18.31 30.65
N GLU A 45 -3.42 18.54 31.95
CA GLU A 45 -4.23 19.67 32.41
C GLU A 45 -3.57 20.99 32.04
N SER A 46 -2.26 21.08 32.22
CA SER A 46 -1.55 22.30 31.88
C SER A 46 -1.85 22.73 30.45
N GLY A 47 -1.71 21.81 29.50
CA GLY A 47 -1.97 22.18 28.12
C GLY A 47 -3.45 22.43 27.86
N GLY A 48 -4.30 21.61 28.45
CA GLY A 48 -5.74 21.75 28.21
C GLY A 48 -6.30 23.05 28.74
N ARG A 49 -5.86 23.47 29.93
CA ARG A 49 -6.33 24.73 30.48
C ARG A 49 -5.80 25.92 29.70
N ALA A 50 -4.55 25.84 29.21
CA ALA A 50 -4.02 26.90 28.37
C ALA A 50 -4.85 27.05 27.10
N LEU A 51 -5.25 25.92 26.51
CA LEU A 51 -6.08 25.98 25.31
C LEU A 51 -7.44 26.60 25.59
N GLU A 52 -8.05 26.25 26.73
CA GLU A 52 -9.31 26.88 27.10
C GLU A 52 -9.20 28.38 27.18
N GLN A 53 -8.10 28.87 27.78
CA GLN A 53 -7.91 30.30 27.93
C GLN A 53 -7.79 30.98 26.58
N GLU A 54 -7.15 30.30 25.62
CA GLU A 54 -6.96 30.88 24.30
C GLU A 54 -8.24 30.80 23.48
N LEU A 55 -8.99 29.71 23.65
CA LEU A 55 -10.07 29.33 22.74
C LEU A 55 -11.38 29.16 23.48
N PRO A 56 -12.26 30.17 23.46
CA PRO A 56 -13.59 30.01 24.07
C PRO A 56 -14.36 28.81 23.54
N GLY A 57 -14.16 28.45 22.28
CA GLY A 57 -14.84 27.31 21.67
C GLY A 57 -14.35 25.93 22.11
N ALA A 58 -13.24 25.85 22.82
CA ALA A 58 -12.78 24.60 23.41
C ALA A 58 -13.19 24.49 24.88
N VAL A 59 -13.37 23.26 25.35
CA VAL A 59 -13.62 23.01 26.76
C VAL A 59 -12.77 21.81 27.18
N PHE A 60 -12.11 21.91 28.32
CA PHE A 60 -11.23 20.85 28.81
C PHE A 60 -11.91 19.98 29.86
N ILE A 61 -11.77 18.66 29.70
CA ILE A 61 -12.19 17.69 30.69
C ILE A 61 -11.00 16.80 31.03
N LEU A 62 -10.64 16.75 32.32
CA LEU A 62 -9.60 15.84 32.80
C LEU A 62 -10.08 14.42 32.63
N CYS A 63 -9.36 13.64 31.82
CA CYS A 63 -9.95 12.45 31.24
C CYS A 63 -8.85 11.53 30.76
N ASP A 64 -8.86 10.29 31.25
CA ASP A 64 -7.89 9.25 30.91
C ASP A 64 -8.62 8.18 30.11
N VAL A 65 -8.30 8.09 28.81
CA VAL A 65 -9.05 7.18 27.93
C VAL A 65 -8.84 5.72 28.31
N THR A 66 -7.83 5.39 29.11
CA THR A 66 -7.67 4.02 29.56
C THR A 66 -8.61 3.63 30.69
N GLN A 67 -9.37 4.59 31.24
CA GLN A 67 -10.30 4.35 32.33
C GLN A 67 -11.73 4.43 31.79
N GLU A 68 -12.42 3.29 31.79
CA GLU A 68 -13.74 3.24 31.17
C GLU A 68 -14.69 4.24 31.82
N ASP A 69 -14.60 4.42 33.14
CA ASP A 69 -15.48 5.39 33.79
C ASP A 69 -15.23 6.81 33.29
N ASP A 70 -13.96 7.15 33.02
CA ASP A 70 -13.67 8.47 32.48
C ASP A 70 -14.31 8.64 31.11
N VAL A 71 -14.21 7.61 30.27
CA VAL A 71 -14.78 7.72 28.93
C VAL A 71 -16.30 7.84 29.01
N LYS A 72 -16.93 7.05 29.88
CA LYS A 72 -18.37 7.20 30.09
C LYS A 72 -18.74 8.61 30.53
N THR A 73 -17.98 9.19 31.46
CA THR A 73 -18.27 10.55 31.90
C THR A 73 -18.08 11.55 30.76
N LEU A 74 -17.03 11.35 29.96
CA LEU A 74 -16.75 12.21 28.82
C LEU A 74 -17.92 12.27 27.85
N VAL A 75 -18.43 11.10 27.45
CA VAL A 75 -19.53 11.06 26.49
C VAL A 75 -20.81 11.61 27.12
N SER A 76 -21.13 11.16 28.34
N SER A 76 -21.06 11.24 28.38
N SER A 76 -21.09 11.21 28.36
CA SER A 76 -22.40 11.58 28.93
CA SER A 76 -22.24 11.74 29.09
CA SER A 76 -22.26 11.69 29.07
C SER A 76 -22.43 13.08 29.18
C SER A 76 -22.25 13.26 29.16
C SER A 76 -22.21 13.21 29.26
N GLU A 77 -21.29 13.68 29.51
N GLU A 77 -21.14 13.86 29.65
CA GLU A 77 -21.23 15.13 29.75
CA GLU A 77 -21.10 15.31 29.79
C GLU A 77 -21.26 15.91 28.44
C GLU A 77 -21.19 15.99 28.44
N THR A 78 -20.58 15.41 27.41
CA THR A 78 -20.64 16.04 26.10
C THR A 78 -22.08 16.10 25.60
N ILE A 79 -22.81 14.99 25.72
CA ILE A 79 -24.20 14.98 25.27
C ILE A 79 -25.07 15.84 26.17
N ARG A 80 -24.87 15.78 27.49
CA ARG A 80 -25.69 16.58 28.40
C ARG A 80 -25.54 18.07 28.12
N ARG A 81 -24.31 18.54 27.95
CA ARG A 81 -24.05 19.96 27.76
C ARG A 81 -24.39 20.41 26.36
N PHE A 82 -23.96 19.63 25.35
CA PHE A 82 -23.96 20.13 23.98
C PHE A 82 -24.97 19.43 23.07
N GLY A 83 -25.59 18.35 23.55
CA GLY A 83 -26.73 17.71 22.91
C GLY A 83 -26.44 16.83 21.72
N ARG A 84 -25.18 16.75 21.27
CA ARG A 84 -24.84 16.01 20.07
C ARG A 84 -23.35 15.72 20.08
N LEU A 85 -22.95 14.81 19.19
CA LEU A 85 -21.56 14.51 18.97
C LEU A 85 -21.39 14.19 17.51
N ASP A 86 -20.57 14.97 16.81
CA ASP A 86 -20.42 14.86 15.37
C ASP A 86 -19.12 14.21 14.93
N CYS A 87 -18.06 14.36 15.72
CA CYS A 87 -16.76 13.85 15.29
C CYS A 87 -15.96 13.49 16.54
N VAL A 88 -15.34 12.31 16.51
CA VAL A 88 -14.39 11.90 17.54
C VAL A 88 -13.03 11.80 16.88
N VAL A 89 -12.05 12.52 17.42
CA VAL A 89 -10.66 12.46 16.96
C VAL A 89 -9.87 11.76 18.05
N ASN A 90 -9.39 10.56 17.75
CA ASN A 90 -8.61 9.75 18.69
C ASN A 90 -7.14 10.05 18.47
N ASN A 91 -6.61 11.01 19.22
CA ASN A 91 -5.20 11.36 19.13
C ASN A 91 -4.41 10.95 20.35
N ALA A 92 -5.06 10.47 21.40
CA ALA A 92 -4.34 10.03 22.58
C ALA A 92 -3.31 8.98 22.17
N GLY A 93 -2.16 9.03 22.80
CA GLY A 93 -1.11 8.08 22.46
C GLY A 93 0.24 8.58 22.90
N HIS A 94 1.13 7.67 23.29
N HIS A 94 1.14 7.65 23.22
CA HIS A 94 2.48 8.03 23.68
CA HIS A 94 2.47 7.95 23.71
C HIS A 94 3.48 7.32 22.76
C HIS A 94 3.50 7.28 22.80
N HIS A 95 4.59 8.00 22.49
CA HIS A 95 5.75 7.38 21.85
C HIS A 95 6.86 7.18 22.88
N PRO A 96 7.21 5.95 23.25
CA PRO A 96 8.30 5.75 24.21
C PRO A 96 9.62 6.22 23.65
N PRO A 97 10.64 6.37 24.50
CA PRO A 97 11.99 6.64 23.98
C PRO A 97 12.48 5.48 23.15
N PRO A 98 13.56 5.67 22.40
CA PRO A 98 14.08 4.57 21.59
C PRO A 98 14.42 3.37 22.46
N GLN A 99 13.98 2.20 22.01
CA GLN A 99 14.21 0.97 22.75
C GLN A 99 14.41 -0.14 21.74
N ARG A 100 15.56 -0.81 21.81
CA ARG A 100 15.78 -2.01 21.03
C ARG A 100 14.85 -3.11 21.55
N PRO A 101 14.56 -4.11 20.73
CA PRO A 101 13.60 -5.14 21.17
C PRO A 101 13.93 -5.73 22.53
N GLU A 102 15.20 -6.02 22.79
CA GLU A 102 15.61 -6.60 24.07
C GLU A 102 15.45 -5.63 25.22
N GLU A 103 15.28 -4.33 24.94
CA GLU A 103 15.07 -3.32 25.97
C GLU A 103 13.58 -3.07 26.25
N THR A 104 12.68 -3.76 25.56
CA THR A 104 11.26 -3.61 25.80
C THR A 104 10.75 -4.75 26.68
N SER A 105 9.59 -4.54 27.29
CA SER A 105 8.97 -5.57 28.12
C SER A 105 7.54 -5.81 27.65
N ALA A 106 7.06 -7.03 27.90
CA ALA A 106 5.67 -7.35 27.62
C ALA A 106 4.75 -6.44 28.43
N GLN A 107 5.10 -6.20 29.69
CA GLN A 107 4.28 -5.31 30.52
C GLN A 107 4.21 -3.90 29.92
N GLY A 108 5.35 -3.37 29.48
CA GLY A 108 5.34 -2.06 28.84
C GLY A 108 4.54 -2.06 27.54
N PHE A 109 4.67 -3.12 26.76
CA PHE A 109 3.89 -3.26 25.52
C PHE A 109 2.40 -3.25 25.82
N ARG A 110 1.97 -4.01 26.83
CA ARG A 110 0.55 -4.03 27.20
C ARG A 110 0.07 -2.65 27.62
N GLN A 111 0.88 -1.94 28.40
CA GLN A 111 0.50 -0.59 28.82
C GLN A 111 0.36 0.32 27.61
N LEU A 112 1.24 0.16 26.63
CA LEU A 112 1.18 0.99 25.45
C LEU A 112 -0.04 0.65 24.59
N LEU A 113 -0.42 -0.63 24.53
CA LEU A 113 -1.65 -0.99 23.82
C LEU A 113 -2.88 -0.39 24.49
N GLU A 114 -2.89 -0.34 25.83
CA GLU A 114 -4.01 0.27 26.53
C GLU A 114 -4.19 1.73 26.12
N LEU A 115 -3.10 2.48 26.10
CA LEU A 115 -3.21 3.91 25.81
C LEU A 115 -3.45 4.16 24.34
N ASN A 116 -2.67 3.51 23.49
CA ASN A 116 -2.63 3.87 22.08
C ASN A 116 -3.72 3.19 21.26
N LEU A 117 -4.24 2.04 21.68
CA LEU A 117 -5.22 1.28 20.91
C LEU A 117 -6.53 1.10 21.63
N LEU A 118 -6.51 0.60 22.87
CA LEU A 118 -7.77 0.26 23.51
C LEU A 118 -8.52 1.50 23.99
N GLY A 119 -7.84 2.60 24.28
CA GLY A 119 -8.56 3.83 24.59
C GLY A 119 -9.40 4.28 23.40
N THR A 120 -8.80 4.24 22.21
CA THR A 120 -9.51 4.56 20.98
C THR A 120 -10.71 3.63 20.78
N TYR A 121 -10.51 2.33 21.02
CA TYR A 121 -11.61 1.38 20.91
C TYR A 121 -12.76 1.72 21.86
N THR A 122 -12.45 1.95 23.13
CA THR A 122 -13.49 2.20 24.13
C THR A 122 -14.30 3.46 23.80
N LEU A 123 -13.62 4.57 23.53
CA LEU A 123 -14.34 5.80 23.23
C LEU A 123 -15.16 5.67 21.97
N THR A 124 -14.59 5.08 20.93
CA THR A 124 -15.34 4.94 19.69
C THR A 124 -16.61 4.12 19.91
N LYS A 125 -16.50 3.02 20.65
CA LYS A 125 -17.69 2.20 20.92
C LYS A 125 -18.75 3.01 21.64
N LEU A 126 -18.36 3.75 22.66
CA LEU A 126 -19.34 4.49 23.45
C LEU A 126 -19.92 5.66 22.65
N ALA A 127 -19.15 6.20 21.72
CA ALA A 127 -19.62 7.34 20.94
C ALA A 127 -20.52 6.94 19.78
N LEU A 128 -20.42 5.69 19.31
CA LEU A 128 -21.09 5.34 18.06
C LEU A 128 -22.60 5.59 18.08
N PRO A 129 -23.34 5.32 19.16
CA PRO A 129 -24.78 5.62 19.12
C PRO A 129 -25.05 7.08 18.79
N TYR A 130 -24.24 7.98 19.31
CA TYR A 130 -24.45 9.40 19.05
C TYR A 130 -23.96 9.80 17.67
N LEU A 131 -22.87 9.21 17.21
CA LEU A 131 -22.40 9.47 15.84
C LEU A 131 -23.41 8.98 14.82
N ARG A 132 -24.07 7.86 15.08
CA ARG A 132 -25.11 7.42 14.16
C ARG A 132 -26.23 8.46 14.08
N LYS A 133 -26.62 9.03 15.22
CA LYS A 133 -27.70 10.02 15.22
C LYS A 133 -27.36 11.24 14.38
N SER A 134 -26.10 11.69 14.45
CA SER A 134 -25.66 12.90 13.78
C SER A 134 -25.07 12.63 12.40
N GLN A 135 -25.02 11.37 11.98
CA GLN A 135 -24.26 11.01 10.79
C GLN A 135 -22.86 11.58 10.86
N GLY A 136 -22.25 11.43 12.03
CA GLY A 136 -20.91 11.92 12.29
C GLY A 136 -19.84 10.95 11.83
N ASN A 137 -18.63 11.17 12.32
CA ASN A 137 -17.48 10.43 11.80
C ASN A 137 -16.40 10.31 12.87
N VAL A 138 -15.49 9.35 12.64
CA VAL A 138 -14.37 9.07 13.51
C VAL A 138 -13.09 9.32 12.74
N ILE A 139 -12.13 9.97 13.39
CA ILE A 139 -10.80 10.22 12.83
C ILE A 139 -9.78 9.70 13.84
N ASN A 140 -9.03 8.68 13.45
CA ASN A 140 -7.96 8.15 14.29
C ASN A 140 -6.63 8.72 13.81
N ILE A 141 -5.81 9.19 14.74
CA ILE A 141 -4.48 9.67 14.40
C ILE A 141 -3.52 8.50 14.59
N SER A 142 -2.99 8.03 13.48
CA SER A 142 -2.04 6.93 13.52
C SER A 142 -0.63 7.50 13.32
N SER A 143 0.21 6.87 12.49
CA SER A 143 1.56 7.34 12.22
C SER A 143 2.05 6.64 10.97
N LEU A 144 2.88 7.37 10.21
CA LEU A 144 3.57 6.74 9.07
C LEU A 144 4.35 5.51 9.52
N VAL A 145 4.85 5.49 10.76
CA VAL A 145 5.66 4.33 11.14
C VAL A 145 4.82 3.07 11.28
N GLY A 146 3.50 3.17 11.42
CA GLY A 146 2.66 1.99 11.39
C GLY A 146 2.65 1.33 10.02
N ALA A 147 2.87 2.10 8.98
CA ALA A 147 2.80 1.61 7.61
C ALA A 147 4.15 1.09 7.11
N ILE A 148 5.26 1.73 7.49
CA ILE A 148 6.57 1.37 6.95
C ILE A 148 7.58 1.02 8.03
N GLY A 149 7.20 1.08 9.30
CA GLY A 149 8.09 0.76 10.39
C GLY A 149 9.03 1.89 10.78
N GLN A 150 9.66 1.70 11.93
CA GLN A 150 10.79 2.49 12.38
C GLN A 150 11.60 1.58 13.30
N ALA A 151 12.90 1.85 13.40
CA ALA A 151 13.77 1.14 14.33
C ALA A 151 13.55 1.62 15.77
N GLN A 152 13.91 0.74 16.71
CA GLN A 152 13.89 1.04 18.14
C GLN A 152 12.50 1.46 18.62
N ALA A 153 11.47 0.81 18.09
CA ALA A 153 10.09 1.15 18.45
C ALA A 153 9.09 0.03 18.18
N VAL A 154 9.47 -1.22 18.47
CA VAL A 154 8.58 -2.34 18.17
C VAL A 154 7.20 -2.14 18.79
N PRO A 155 7.06 -1.85 20.09
CA PRO A 155 5.70 -1.66 20.64
C PRO A 155 4.93 -0.51 19.99
N TYR A 156 5.55 0.64 19.81
CA TYR A 156 4.84 1.78 19.23
C TYR A 156 4.36 1.46 17.82
N VAL A 157 5.24 0.92 16.99
CA VAL A 157 4.90 0.59 15.61
C VAL A 157 3.72 -0.37 15.59
N ALA A 158 3.78 -1.42 16.42
CA ALA A 158 2.68 -2.37 16.50
C ALA A 158 1.38 -1.67 16.85
N THR A 159 1.40 -0.76 17.83
CA THR A 159 0.14 -0.11 18.21
C THR A 159 -0.42 0.73 17.06
N LYS A 160 0.43 1.41 16.30
CA LYS A 160 -0.09 2.25 15.21
C LYS A 160 -0.51 1.42 14.02
N GLY A 161 0.17 0.30 13.75
CA GLY A 161 -0.37 -0.62 12.74
C GLY A 161 -1.75 -1.13 13.12
N ALA A 162 -1.96 -1.40 14.40
CA ALA A 162 -3.29 -1.81 14.87
C ALA A 162 -4.33 -0.70 14.67
N VAL A 163 -3.98 0.55 14.98
CA VAL A 163 -4.94 1.65 14.83
C VAL A 163 -5.37 1.78 13.37
N THR A 164 -4.41 1.76 12.44
CA THR A 164 -4.77 1.93 11.03
C THR A 164 -5.65 0.78 10.54
N ALA A 165 -5.32 -0.45 10.92
CA ALA A 165 -6.15 -1.58 10.51
C ALA A 165 -7.54 -1.49 11.14
N MET A 166 -7.61 -1.19 12.44
CA MET A 166 -8.91 -1.08 13.11
C MET A 166 -9.79 -0.02 12.49
N THR A 167 -9.18 1.06 11.99
CA THR A 167 -9.91 2.09 11.26
C THR A 167 -10.68 1.50 10.09
N LYS A 168 -10.01 0.63 9.32
CA LYS A 168 -10.64 0.01 8.16
C LYS A 168 -11.74 -0.97 8.56
N ALA A 169 -11.54 -1.73 9.64
CA ALA A 169 -12.58 -2.64 10.12
C ALA A 169 -13.81 -1.86 10.58
N LEU A 170 -13.58 -0.80 11.35
CA LEU A 170 -14.67 0.02 11.83
C LEU A 170 -15.40 0.70 10.67
N ALA A 171 -14.65 1.14 9.66
CA ALA A 171 -15.29 1.74 8.49
C ALA A 171 -16.26 0.76 7.84
N LEU A 172 -15.85 -0.50 7.71
CA LEU A 172 -16.76 -1.50 7.15
C LEU A 172 -17.98 -1.69 8.02
N ASP A 173 -17.79 -1.80 9.34
CA ASP A 173 -18.92 -2.10 10.23
C ASP A 173 -19.91 -0.94 10.32
N GLU A 174 -19.45 0.29 10.18
CA GLU A 174 -20.32 1.44 10.39
C GLU A 174 -20.81 2.05 9.08
N SER A 175 -20.31 1.56 7.94
CA SER A 175 -20.77 2.07 6.65
C SER A 175 -22.28 1.96 6.43
N PRO A 176 -22.99 0.91 6.89
CA PRO A 176 -24.45 0.87 6.68
C PRO A 176 -25.16 1.98 7.39
N TYR A 177 -24.54 2.60 8.39
CA TYR A 177 -25.17 3.68 9.14
C TYR A 177 -24.71 5.05 8.67
N GLY A 178 -23.85 5.11 7.67
CA GLY A 178 -23.38 6.38 7.16
C GLY A 178 -22.36 7.05 8.02
N VAL A 179 -21.75 6.32 8.95
CA VAL A 179 -20.71 6.85 9.84
C VAL A 179 -19.36 6.48 9.24
N ARG A 180 -18.64 7.51 8.79
CA ARG A 180 -17.31 7.30 8.20
C ARG A 180 -16.25 7.21 9.29
N VAL A 181 -15.22 6.40 9.02
CA VAL A 181 -14.12 6.18 9.94
C VAL A 181 -12.84 6.21 9.13
N ASN A 182 -11.99 7.20 9.40
CA ASN A 182 -10.77 7.43 8.63
C ASN A 182 -9.59 7.64 9.58
N CYS A 183 -8.39 7.56 9.04
CA CYS A 183 -7.22 7.89 9.85
C CYS A 183 -6.29 8.83 9.10
N ILE A 184 -5.50 9.55 9.90
CA ILE A 184 -4.43 10.42 9.44
C ILE A 184 -3.14 9.83 9.95
N SER A 185 -2.13 9.70 9.07
CA SER A 185 -0.83 9.17 9.45
C SER A 185 0.20 10.28 9.31
N PRO A 186 0.51 11.01 10.37
CA PRO A 186 1.54 12.03 10.28
C PRO A 186 2.93 11.43 10.16
N GLY A 187 3.80 12.19 9.53
CA GLY A 187 5.21 11.90 9.55
C GLY A 187 5.90 12.68 10.64
N ASN A 188 6.91 13.46 10.27
CA ASN A 188 7.69 14.25 11.22
C ASN A 188 7.03 15.60 11.40
N ILE A 189 6.43 15.80 12.58
CA ILE A 189 5.72 17.04 12.93
C ILE A 189 6.50 17.78 14.01
N TRP A 190 6.80 19.04 13.73
CA TRP A 190 7.45 19.90 14.70
C TRP A 190 6.54 20.19 15.89
N THR A 191 7.12 20.16 17.07
CA THR A 191 6.47 20.62 18.29
C THR A 191 7.48 21.36 19.14
N PRO A 192 7.01 22.11 20.14
CA PRO A 192 7.95 22.70 21.10
C PRO A 192 8.82 21.66 21.79
N LEU A 193 8.28 20.48 22.08
CA LEU A 193 9.13 19.43 22.66
C LEU A 193 10.27 19.05 21.70
N TRP A 194 9.96 18.83 20.43
CA TRP A 194 11.00 18.54 19.44
C TRP A 194 12.11 19.59 19.50
N GLU A 195 11.74 20.86 19.53
N GLU A 195 11.73 20.87 19.49
CA GLU A 195 12.73 21.94 19.53
CA GLU A 195 12.70 21.95 19.55
C GLU A 195 13.56 21.93 20.81
C GLU A 195 13.58 21.83 20.79
N GLU A 196 12.96 21.60 21.95
CA GLU A 196 13.74 21.50 23.19
C GLU A 196 14.70 20.32 23.13
N LEU A 197 14.27 19.19 22.58
CA LEU A 197 15.13 18.03 22.52
C LEU A 197 16.29 18.26 21.56
N ALA A 198 16.03 18.98 20.45
CA ALA A 198 17.11 19.21 19.50
C ALA A 198 18.22 20.04 20.11
N ALA A 199 17.86 20.94 21.04
CA ALA A 199 18.85 21.81 21.64
C ALA A 199 19.82 21.06 22.53
N LEU A 200 19.50 19.82 22.90
CA LEU A 200 20.37 19.02 23.77
C LEU A 200 21.22 18.04 22.99
N MET A 201 21.13 18.06 21.66
CA MET A 201 21.90 17.16 20.84
C MET A 201 23.36 17.63 20.77
N PRO A 202 24.27 16.73 20.43
CA PRO A 202 25.67 17.16 20.31
C PRO A 202 25.85 18.33 19.35
N ASP A 203 25.12 18.36 18.23
CA ASP A 203 25.20 19.47 17.29
C ASP A 203 23.78 19.85 16.93
N PRO A 204 23.18 20.77 17.68
CA PRO A 204 21.78 21.13 17.42
C PRO A 204 21.53 21.58 16.01
N ARG A 205 22.40 22.41 15.43
CA ARG A 205 22.17 22.87 14.06
C ARG A 205 22.07 21.69 13.11
N ALA A 206 23.00 20.73 13.22
CA ALA A 206 22.97 19.56 12.34
C ALA A 206 21.73 18.71 12.57
N SER A 207 21.30 18.57 13.83
N SER A 207 21.31 18.56 13.84
CA SER A 207 20.11 17.76 14.11
CA SER A 207 20.13 17.76 14.13
C SER A 207 18.86 18.42 13.56
C SER A 207 18.86 18.42 13.58
N ILE A 208 18.76 19.74 13.68
CA ILE A 208 17.62 20.44 13.13
C ILE A 208 17.59 20.30 11.62
N ARG A 209 18.74 20.50 10.98
CA ARG A 209 18.80 20.38 9.53
C ARG A 209 18.43 18.96 9.08
N GLU A 210 18.93 17.95 9.82
CA GLU A 210 18.59 16.56 9.49
C GLU A 210 17.10 16.32 9.58
N GLY A 211 16.46 16.86 10.61
CA GLY A 211 15.03 16.70 10.75
C GLY A 211 14.28 17.36 9.63
N MET A 212 14.74 18.54 9.18
CA MET A 212 14.07 19.22 8.08
C MET A 212 14.25 18.47 6.77
N LEU A 213 15.42 17.87 6.56
CA LEU A 213 15.71 17.19 5.31
C LEU A 213 15.25 15.74 5.28
N ALA A 214 14.60 15.27 6.34
CA ALA A 214 14.11 13.89 6.41
C ALA A 214 12.91 13.62 5.48
N GLN A 215 12.36 14.63 4.83
CA GLN A 215 11.27 14.48 3.89
C GLN A 215 11.51 15.40 2.71
N PRO A 216 11.03 15.02 1.51
CA PRO A 216 11.24 15.83 0.31
C PRO A 216 10.87 17.31 0.43
N LEU A 217 9.83 17.66 1.18
CA LEU A 217 9.47 19.08 1.25
C LEU A 217 10.49 19.92 2.01
N GLY A 218 11.43 19.32 2.73
CA GLY A 218 12.55 20.07 3.26
C GLY A 218 12.26 20.85 4.51
N ARG A 219 11.12 20.58 5.12
CA ARG A 219 10.77 21.10 6.43
C ARG A 219 9.98 20.01 7.14
N MET A 220 9.86 20.16 8.45
CA MET A 220 8.94 19.35 9.21
C MET A 220 7.53 19.90 9.09
N GLY A 221 6.55 19.04 9.40
CA GLY A 221 5.17 19.46 9.36
C GLY A 221 4.81 20.24 10.59
N GLN A 222 3.62 20.83 10.55
CA GLN A 222 3.09 21.61 11.66
C GLN A 222 1.80 21.00 12.18
N PRO A 223 1.54 21.10 13.48
CA PRO A 223 0.23 20.64 14.00
C PRO A 223 -0.96 21.20 13.24
N ALA A 224 -0.89 22.45 12.80
CA ALA A 224 -2.00 23.04 12.05
C ALA A 224 -2.29 22.27 10.79
N GLU A 225 -1.27 21.64 10.19
CA GLU A 225 -1.47 20.91 8.95
C GLU A 225 -2.18 19.59 9.21
N VAL A 226 -1.86 18.93 10.32
CA VAL A 226 -2.63 17.77 10.72
C VAL A 226 -4.07 18.19 11.01
N GLY A 227 -4.23 19.33 11.69
CA GLY A 227 -5.55 19.84 11.98
C GLY A 227 -6.38 20.12 10.73
N ALA A 228 -5.78 20.72 9.70
CA ALA A 228 -6.51 20.99 8.47
C ALA A 228 -6.94 19.68 7.81
N ALA A 229 -6.10 18.66 7.86
CA ALA A 229 -6.49 17.37 7.31
C ALA A 229 -7.68 16.78 8.05
N ALA A 230 -7.71 16.94 9.38
CA ALA A 230 -8.84 16.43 10.15
C ALA A 230 -10.13 17.19 9.84
N VAL A 231 -10.06 18.51 9.72
CA VAL A 231 -11.27 19.26 9.36
C VAL A 231 -11.77 18.81 8.00
N PHE A 232 -10.86 18.56 7.05
CA PHE A 232 -11.27 18.04 5.75
C PHE A 232 -12.01 16.72 5.90
N LEU A 233 -11.42 15.78 6.64
CA LEU A 233 -12.06 14.47 6.78
C LEU A 233 -13.43 14.59 7.43
N ALA A 234 -13.57 15.50 8.41
CA ALA A 234 -14.85 15.63 9.11
C ALA A 234 -15.90 16.28 8.24
N SER A 235 -15.53 17.33 7.51
CA SER A 235 -16.50 18.27 6.95
C SER A 235 -16.71 18.17 5.43
N GLU A 236 -15.75 17.65 4.68
CA GLU A 236 -15.80 17.71 3.22
C GLU A 236 -15.46 16.39 2.52
N ALA A 237 -15.23 15.34 3.25
CA ALA A 237 -14.80 14.07 2.67
C ALA A 237 -15.92 13.03 2.74
N ASN A 238 -17.09 13.36 2.21
CA ASN A 238 -18.28 12.55 2.49
C ASN A 238 -18.30 11.20 1.78
N PHE A 239 -17.43 10.98 0.80
CA PHE A 239 -17.30 9.68 0.15
C PHE A 239 -16.00 9.00 0.55
N CYS A 240 -15.31 9.47 1.59
CA CYS A 240 -14.10 8.83 2.10
C CYS A 240 -14.42 8.07 3.38
N THR A 241 -14.17 6.77 3.37
CA THR A 241 -14.20 6.02 4.62
C THR A 241 -13.15 4.92 4.54
N GLY A 242 -12.52 4.67 5.69
CA GLY A 242 -11.45 3.70 5.74
C GLY A 242 -10.16 4.13 5.06
N ILE A 243 -9.95 5.43 4.83
CA ILE A 243 -8.71 5.86 4.19
C ILE A 243 -7.67 6.19 5.23
N GLU A 244 -6.42 6.15 4.78
CA GLU A 244 -5.24 6.58 5.53
C GLU A 244 -4.68 7.80 4.80
N LEU A 245 -4.87 8.98 5.38
CA LEU A 245 -4.44 10.23 4.79
C LEU A 245 -3.03 10.54 5.31
N LEU A 246 -2.05 10.45 4.44
CA LEU A 246 -0.65 10.66 4.82
C LEU A 246 -0.35 12.15 4.90
N VAL A 247 0.20 12.60 6.03
CA VAL A 247 0.63 13.98 6.24
C VAL A 247 2.10 13.92 6.64
N THR A 248 2.96 13.73 5.65
CA THR A 248 4.34 13.33 5.86
C THR A 248 5.35 14.13 5.06
N GLY A 249 4.90 15.03 4.17
CA GLY A 249 5.86 15.75 3.36
C GLY A 249 6.61 14.89 2.37
N GLY A 250 6.09 13.70 2.07
CA GLY A 250 6.72 12.79 1.14
C GLY A 250 7.74 11.83 1.73
N ALA A 251 7.78 11.67 3.05
CA ALA A 251 8.84 10.87 3.68
C ALA A 251 8.87 9.43 3.19
N GLU A 252 7.72 8.87 2.84
CA GLU A 252 7.63 7.47 2.41
C GLU A 252 8.08 7.27 0.97
N LEU A 253 8.32 8.34 0.22
CA LEU A 253 8.69 8.27 -1.19
C LEU A 253 10.17 7.92 -1.33
N GLY A 254 10.53 7.46 -2.54
CA GLY A 254 11.89 7.14 -2.88
C GLY A 254 12.88 8.28 -2.85
N TYR A 255 12.96 8.90 -1.68
CA TYR A 255 13.76 10.07 -1.37
C TYR A 255 14.87 9.66 -0.41
N GLY A 256 16.03 10.29 -0.55
CA GLY A 256 17.07 10.17 0.45
C GLY A 256 17.49 8.74 0.75
N ALA A 259 15.94 6.24 -1.84
CA ALA A 259 16.33 6.55 -3.22
C ALA A 259 17.12 5.41 -3.86
N SER A 260 16.77 5.14 -5.11
CA SER A 260 17.37 4.03 -5.84
C SER A 260 18.88 4.18 -5.96
N ARG A 261 19.57 3.05 -5.83
CA ARG A 261 20.99 2.94 -6.14
C ARG A 261 21.21 1.83 -7.16
N SER A 262 20.30 1.73 -8.14
CA SER A 262 20.53 0.80 -9.23
C SER A 262 21.77 1.18 -10.05
N THR A 263 22.22 2.42 -9.93
CA THR A 263 23.53 2.86 -10.41
C THR A 263 24.28 3.52 -9.26
N PRO A 264 25.61 3.36 -9.18
CA PRO A 264 26.34 3.93 -8.03
C PRO A 264 26.22 5.44 -7.94
N GLY B 6 -13.86 33.95 -2.38
CA GLY B 6 -14.47 32.63 -2.38
C GLY B 6 -14.68 31.88 -1.08
N THR B 7 -13.73 31.88 -0.14
CA THR B 7 -12.45 32.59 -0.22
C THR B 7 -11.26 31.67 0.05
N ARG B 8 -11.52 30.37 0.16
CA ARG B 8 -10.48 29.40 0.50
C ARG B 8 -9.33 29.41 -0.51
N TYR B 9 -9.62 29.75 -1.76
CA TYR B 9 -8.58 29.80 -2.79
C TYR B 9 -8.75 31.06 -3.63
N ALA B 10 -9.11 32.16 -2.97
CA ALA B 10 -9.39 33.42 -3.64
C ALA B 10 -8.12 33.98 -4.24
N GLY B 11 -8.25 34.58 -5.43
CA GLY B 11 -7.14 35.21 -6.10
C GLY B 11 -6.20 34.26 -6.79
N LYS B 12 -6.46 32.97 -6.73
N LYS B 12 -6.48 32.97 -6.75
CA LYS B 12 -5.62 31.97 -7.37
CA LYS B 12 -5.63 31.94 -7.36
C LYS B 12 -6.14 31.68 -8.78
C LYS B 12 -6.17 31.56 -8.74
N VAL B 13 -5.27 31.07 -9.58
CA VAL B 13 -5.59 30.69 -10.95
C VAL B 13 -5.36 29.18 -11.08
N VAL B 14 -6.37 28.48 -11.57
CA VAL B 14 -6.37 27.03 -11.65
C VAL B 14 -6.67 26.63 -13.09
N VAL B 15 -5.89 25.70 -13.64
CA VAL B 15 -6.18 25.06 -14.92
C VAL B 15 -6.75 23.68 -14.65
N VAL B 16 -7.86 23.34 -15.29
CA VAL B 16 -8.44 22.00 -15.20
C VAL B 16 -8.54 21.43 -16.61
N THR B 17 -7.75 20.42 -16.91
CA THR B 17 -7.93 19.70 -18.18
C THR B 17 -9.05 18.68 -18.02
N GLY B 18 -9.76 18.42 -19.13
CA GLY B 18 -10.94 17.58 -19.04
C GLY B 18 -11.98 18.13 -18.10
N GLY B 19 -12.12 19.45 -18.04
CA GLY B 19 -13.02 20.08 -17.10
C GLY B 19 -14.45 20.27 -17.55
N GLY B 20 -14.81 19.78 -18.74
CA GLY B 20 -16.09 20.13 -19.34
C GLY B 20 -17.32 19.45 -18.77
N ARG B 21 -17.16 18.24 -18.21
CA ARG B 21 -18.31 17.50 -17.71
C ARG B 21 -17.85 16.53 -16.63
N GLY B 22 -18.82 15.85 -16.01
CA GLY B 22 -18.51 14.76 -15.10
C GLY B 22 -17.62 15.20 -13.96
N ILE B 23 -16.65 14.34 -13.63
CA ILE B 23 -15.71 14.65 -12.55
C ILE B 23 -15.04 16.00 -12.79
N GLY B 24 -14.61 16.25 -14.02
CA GLY B 24 -13.91 17.48 -14.32
C GLY B 24 -14.74 18.71 -14.02
N ALA B 25 -16.02 18.68 -14.39
CA ALA B 25 -16.89 19.82 -14.11
C ALA B 25 -17.13 20.00 -12.62
N GLY B 26 -17.17 18.90 -11.88
CA GLY B 26 -17.25 18.99 -10.42
C GLY B 26 -16.04 19.68 -9.81
N ILE B 27 -14.86 19.40 -10.36
CA ILE B 27 -13.65 20.08 -9.90
C ILE B 27 -13.69 21.57 -10.25
N VAL B 28 -14.09 21.90 -11.49
CA VAL B 28 -14.22 23.31 -11.90
C VAL B 28 -15.13 24.04 -10.93
N ARG B 29 -16.32 23.49 -10.70
CA ARG B 29 -17.29 24.17 -9.83
C ARG B 29 -16.74 24.34 -8.42
N ALA B 30 -16.06 23.32 -7.91
CA ALA B 30 -15.51 23.41 -6.57
C ALA B 30 -14.51 24.55 -6.48
N PHE B 31 -13.64 24.68 -7.48
CA PHE B 31 -12.64 25.75 -7.41
C PHE B 31 -13.27 27.12 -7.62
N VAL B 32 -14.23 27.24 -8.53
CA VAL B 32 -14.92 28.53 -8.68
C VAL B 32 -15.59 28.91 -7.36
N ASN B 33 -16.22 27.93 -6.69
CA ASN B 33 -16.90 28.21 -5.43
C ASN B 33 -15.92 28.61 -4.33
N SER B 34 -14.65 28.23 -4.45
CA SER B 34 -13.63 28.62 -3.49
C SER B 34 -12.98 29.94 -3.83
N GLY B 35 -13.43 30.62 -4.90
CA GLY B 35 -12.97 31.95 -5.25
C GLY B 35 -11.88 32.01 -6.30
N ALA B 36 -11.51 30.88 -6.87
CA ALA B 36 -10.44 30.85 -7.86
C ALA B 36 -10.99 31.21 -9.24
N ARG B 37 -10.09 31.69 -10.09
CA ARG B 37 -10.34 31.79 -11.53
C ARG B 37 -9.93 30.47 -12.15
N VAL B 38 -10.82 29.84 -12.90
CA VAL B 38 -10.57 28.49 -13.41
C VAL B 38 -10.54 28.53 -14.93
N VAL B 39 -9.46 28.02 -15.50
CA VAL B 39 -9.31 27.88 -16.95
C VAL B 39 -9.55 26.42 -17.32
N ILE B 40 -10.57 26.16 -18.13
CA ILE B 40 -10.93 24.83 -18.58
C ILE B 40 -10.23 24.56 -19.90
N CYS B 41 -9.44 23.48 -19.96
CA CYS B 41 -8.88 22.98 -21.21
C CYS B 41 -9.72 21.76 -21.57
N ASP B 42 -10.51 21.87 -22.63
CA ASP B 42 -11.30 20.72 -23.06
C ASP B 42 -11.71 20.93 -24.51
N LYS B 43 -12.30 19.90 -25.08
CA LYS B 43 -12.65 19.90 -26.49
C LYS B 43 -14.00 20.55 -26.80
N ASP B 44 -14.27 20.65 -28.11
CA ASP B 44 -15.41 21.41 -28.60
C ASP B 44 -16.73 20.90 -28.04
N GLU B 45 -16.91 19.59 -27.98
CA GLU B 45 -18.21 19.02 -27.59
C GLU B 45 -18.30 18.69 -26.11
N SER B 46 -17.45 19.28 -25.27
CA SER B 46 -17.14 18.74 -23.94
C SER B 46 -18.08 19.18 -22.82
N GLY B 47 -18.77 20.31 -22.97
CA GLY B 47 -19.42 20.97 -21.86
C GLY B 47 -18.70 22.20 -21.36
N GLY B 48 -17.44 22.38 -21.73
CA GLY B 48 -16.68 23.50 -21.20
C GLY B 48 -17.23 24.86 -21.61
N ARG B 49 -17.70 24.98 -22.86
CA ARG B 49 -18.26 26.24 -23.32
C ARG B 49 -19.50 26.61 -22.49
N ALA B 50 -20.34 25.63 -22.19
CA ALA B 50 -21.52 25.87 -21.34
C ALA B 50 -21.12 26.25 -19.92
N LEU B 51 -20.03 25.67 -19.40
CA LEU B 51 -19.58 26.06 -18.07
C LEU B 51 -19.13 27.51 -18.04
N GLU B 52 -18.43 27.96 -19.08
CA GLU B 52 -18.10 29.38 -19.17
C GLU B 52 -19.35 30.25 -19.21
N GLN B 53 -20.38 29.80 -19.93
CA GLN B 53 -21.63 30.55 -19.97
C GLN B 53 -22.24 30.71 -18.59
N GLU B 54 -22.20 29.63 -17.81
CA GLU B 54 -22.89 29.58 -16.53
C GLU B 54 -22.12 30.27 -15.41
N LEU B 55 -20.79 30.15 -15.44
CA LEU B 55 -19.95 30.50 -14.30
C LEU B 55 -19.05 31.69 -14.61
N PRO B 56 -19.32 32.87 -14.07
CA PRO B 56 -18.43 34.01 -14.35
C PRO B 56 -16.97 33.78 -14.02
N GLY B 57 -16.67 32.90 -13.06
CA GLY B 57 -15.29 32.58 -12.70
C GLY B 57 -14.58 31.56 -13.57
N ALA B 58 -15.26 30.92 -14.52
CA ALA B 58 -14.65 29.95 -15.42
C ALA B 58 -14.40 30.51 -16.83
N VAL B 59 -13.27 30.11 -17.40
CA VAL B 59 -12.82 30.48 -18.74
C VAL B 59 -12.71 29.18 -19.51
N PHE B 60 -13.24 29.11 -20.73
CA PHE B 60 -13.09 27.94 -21.57
C PHE B 60 -12.09 28.20 -22.67
N ILE B 61 -11.11 27.31 -22.80
CA ILE B 61 -10.16 27.32 -23.91
C ILE B 61 -10.31 25.99 -24.64
N LEU B 62 -10.64 26.07 -25.92
CA LEU B 62 -10.70 24.89 -26.76
C LEU B 62 -9.31 24.30 -26.89
N CYS B 63 -9.14 23.07 -26.41
CA CYS B 63 -7.80 22.62 -26.09
C CYS B 63 -7.77 21.10 -25.98
N ASP B 64 -6.88 20.48 -26.74
CA ASP B 64 -6.67 19.02 -26.73
C ASP B 64 -5.28 18.76 -26.18
N VAL B 65 -5.21 18.20 -24.96
CA VAL B 65 -3.92 18.03 -24.28
C VAL B 65 -2.97 17.11 -25.02
N THR B 66 -3.46 16.34 -25.99
CA THR B 66 -2.56 15.51 -26.79
C THR B 66 -1.86 16.32 -27.87
N GLN B 67 -2.21 17.59 -28.06
CA GLN B 67 -1.63 18.44 -29.08
C GLN B 67 -0.74 19.46 -28.38
N GLU B 68 0.57 19.35 -28.57
CA GLU B 68 1.50 20.20 -27.84
C GLU B 68 1.23 21.69 -28.09
N ASP B 69 0.84 22.05 -29.31
CA ASP B 69 0.57 23.46 -29.59
C ASP B 69 -0.60 23.96 -28.74
N ASP B 70 -1.60 23.11 -28.52
CA ASP B 70 -2.73 23.50 -27.68
C ASP B 70 -2.28 23.76 -26.26
N VAL B 71 -1.40 22.89 -25.74
CA VAL B 71 -0.92 23.03 -24.37
C VAL B 71 -0.08 24.29 -24.23
N LYS B 72 0.77 24.58 -25.22
CA LYS B 72 1.56 25.80 -25.17
C LYS B 72 0.65 27.03 -25.14
N THR B 73 -0.40 27.04 -25.97
CA THR B 73 -1.34 28.15 -26.00
C THR B 73 -2.11 28.26 -24.69
N LEU B 74 -2.49 27.12 -24.12
CA LEU B 74 -3.19 27.12 -22.84
C LEU B 74 -2.38 27.84 -21.76
N VAL B 75 -1.10 27.46 -21.61
CA VAL B 75 -0.28 28.08 -20.58
C VAL B 75 -0.01 29.54 -20.91
N SER B 76 0.37 29.83 -22.16
N SER B 76 0.37 29.83 -22.16
N SER B 76 0.34 29.84 -22.17
CA SER B 76 0.69 31.20 -22.54
CA SER B 76 0.69 31.20 -22.54
CA SER B 76 0.70 31.22 -22.50
C SER B 76 -0.50 32.12 -22.31
C SER B 76 -0.50 32.13 -22.32
C SER B 76 -0.50 32.16 -22.38
N GLU B 77 -1.70 31.69 -22.71
CA GLU B 77 -2.88 32.53 -22.57
C GLU B 77 -3.27 32.69 -21.11
N THR B 78 -3.11 31.64 -20.30
CA THR B 78 -3.40 31.76 -18.87
C THR B 78 -2.50 32.82 -18.24
N ILE B 79 -1.21 32.78 -18.55
CA ILE B 79 -0.27 33.75 -17.97
C ILE B 79 -0.51 35.15 -18.55
N ARG B 80 -0.79 35.24 -19.84
CA ARG B 80 -1.03 36.55 -20.46
C ARG B 80 -2.22 37.23 -19.79
N ARG B 81 -3.29 36.48 -19.56
CA ARG B 81 -4.52 37.07 -19.03
C ARG B 81 -4.45 37.33 -17.54
N PHE B 82 -3.90 36.39 -16.78
CA PHE B 82 -4.04 36.41 -15.33
C PHE B 82 -2.73 36.56 -14.59
N GLY B 83 -1.60 36.44 -15.27
CA GLY B 83 -0.31 36.79 -14.70
C GLY B 83 0.28 35.74 -13.78
N ARG B 84 -0.43 34.64 -13.55
CA ARG B 84 0.03 33.66 -12.57
C ARG B 84 -0.68 32.34 -12.84
N LEU B 85 -0.13 31.27 -12.26
CA LEU B 85 -0.73 29.95 -12.32
C LEU B 85 -0.43 29.27 -11.00
N ASP B 86 -1.48 28.88 -10.27
CA ASP B 86 -1.33 28.33 -8.93
C ASP B 86 -1.56 26.84 -8.83
N CYS B 87 -2.39 26.29 -9.70
CA CYS B 87 -2.74 24.88 -9.59
C CYS B 87 -3.07 24.34 -10.96
N VAL B 88 -2.54 23.18 -11.29
CA VAL B 88 -2.91 22.46 -12.50
C VAL B 88 -3.57 21.16 -12.05
N VAL B 89 -4.80 20.94 -12.50
CA VAL B 89 -5.54 19.70 -12.26
C VAL B 89 -5.60 18.96 -13.58
N ASN B 90 -4.89 17.83 -13.66
CA ASN B 90 -4.87 17.01 -14.87
C ASN B 90 -5.97 15.97 -14.75
N ASN B 91 -7.16 16.28 -15.29
CA ASN B 91 -8.27 15.33 -15.31
C ASN B 91 -8.58 14.78 -16.69
N ALA B 92 -7.93 15.29 -17.74
CA ALA B 92 -8.16 14.76 -19.06
C ALA B 92 -7.89 13.26 -19.04
N GLY B 93 -8.72 12.52 -19.76
CA GLY B 93 -8.60 11.08 -19.81
C GLY B 93 -9.89 10.44 -20.24
N HIS B 94 -9.76 9.21 -20.71
CA HIS B 94 -10.89 8.44 -21.23
C HIS B 94 -10.88 7.04 -20.63
N HIS B 95 -12.07 6.53 -20.26
CA HIS B 95 -12.21 5.11 -19.91
C HIS B 95 -12.87 4.38 -21.06
N PRO B 96 -12.17 3.46 -21.73
CA PRO B 96 -12.78 2.68 -22.79
C PRO B 96 -13.91 1.82 -22.27
N PRO B 97 -14.77 1.33 -23.14
CA PRO B 97 -15.76 0.33 -22.73
C PRO B 97 -15.04 -0.92 -22.26
N PRO B 98 -15.73 -1.83 -21.56
CA PRO B 98 -15.09 -3.07 -21.12
C PRO B 98 -14.48 -3.81 -22.29
N GLN B 99 -13.24 -4.27 -22.12
CA GLN B 99 -12.52 -4.96 -23.19
C GLN B 99 -11.62 -6.00 -22.57
N ARG B 100 -11.78 -7.26 -22.99
CA ARG B 100 -10.85 -8.31 -22.63
C ARG B 100 -9.51 -8.06 -23.30
N PRO B 101 -8.43 -8.66 -22.79
CA PRO B 101 -7.12 -8.38 -23.41
C PRO B 101 -7.13 -8.61 -24.92
N GLU B 102 -7.82 -9.66 -25.38
CA GLU B 102 -7.91 -9.95 -26.80
C GLU B 102 -8.70 -8.91 -27.59
N GLU B 103 -9.50 -8.10 -26.93
CA GLU B 103 -10.27 -7.06 -27.60
C GLU B 103 -9.50 -5.74 -27.66
N THR B 104 -8.28 -5.70 -27.12
CA THR B 104 -7.46 -4.50 -27.15
C THR B 104 -6.38 -4.64 -28.22
N SER B 105 -5.81 -3.51 -28.61
CA SER B 105 -4.72 -3.46 -29.57
C SER B 105 -3.59 -2.57 -29.03
N ALA B 106 -2.37 -2.83 -29.50
CA ALA B 106 -1.25 -1.95 -29.15
C ALA B 106 -1.54 -0.52 -29.62
N GLN B 107 -2.14 -0.35 -30.81
CA GLN B 107 -2.46 1.00 -31.27
C GLN B 107 -3.43 1.70 -30.35
N GLY B 108 -4.47 1.00 -29.91
CA GLY B 108 -5.42 1.59 -28.99
C GLY B 108 -4.78 1.93 -27.66
N PHE B 109 -3.89 1.05 -27.19
CA PHE B 109 -3.16 1.28 -25.95
C PHE B 109 -2.29 2.54 -26.06
N ARG B 110 -1.57 2.69 -27.18
CA ARG B 110 -0.77 3.90 -27.40
C ARG B 110 -1.63 5.15 -27.40
N GLN B 111 -2.77 5.09 -28.08
N GLN B 111 -2.77 5.10 -28.10
CA GLN B 111 -3.65 6.25 -28.11
CA GLN B 111 -3.66 6.26 -28.11
C GLN B 111 -4.16 6.59 -26.72
C GLN B 111 -4.13 6.59 -26.70
N LEU B 112 -4.46 5.57 -25.91
CA LEU B 112 -4.94 5.84 -24.56
C LEU B 112 -3.81 6.40 -23.68
N LEU B 113 -2.57 5.94 -23.87
CA LEU B 113 -1.45 6.54 -23.15
C LEU B 113 -1.25 8.00 -23.54
N GLU B 114 -1.46 8.33 -24.82
CA GLU B 114 -1.35 9.73 -25.23
C GLU B 114 -2.31 10.61 -24.45
N LEU B 115 -3.57 10.21 -24.36
CA LEU B 115 -4.58 11.04 -23.72
C LEU B 115 -4.45 11.01 -22.20
N ASN B 116 -4.27 9.81 -21.62
CA ASN B 116 -4.41 9.65 -20.19
C ASN B 116 -3.12 9.94 -19.43
N LEU B 117 -1.97 9.77 -20.07
CA LEU B 117 -0.68 9.94 -19.42
C LEU B 117 0.15 11.05 -20.04
N LEU B 118 0.34 11.06 -21.36
CA LEU B 118 1.32 11.99 -21.92
C LEU B 118 0.80 13.42 -21.97
N GLY B 119 -0.52 13.64 -22.02
CA GLY B 119 -1.04 14.99 -21.91
C GLY B 119 -0.72 15.61 -20.57
N THR B 120 -0.91 14.83 -19.49
CA THR B 120 -0.54 15.26 -18.16
C THR B 120 0.95 15.61 -18.09
N TYR B 121 1.79 14.76 -18.68
CA TYR B 121 3.23 15.01 -18.73
C TYR B 121 3.54 16.35 -19.40
N THR B 122 2.97 16.58 -20.58
CA THR B 122 3.31 17.78 -21.36
C THR B 122 2.87 19.05 -20.63
N LEU B 123 1.63 19.09 -20.18
CA LEU B 123 1.15 20.28 -19.50
C LEU B 123 1.93 20.53 -18.22
N THR B 124 2.18 19.48 -17.43
CA THR B 124 2.90 19.69 -16.18
C THR B 124 4.26 20.28 -16.45
N LYS B 125 4.98 19.75 -17.45
CA LYS B 125 6.29 20.28 -17.79
C LYS B 125 6.22 21.77 -18.16
N LEU B 126 5.24 22.14 -18.99
CA LEU B 126 5.17 23.53 -19.43
C LEU B 126 4.70 24.47 -18.32
N ALA B 127 3.90 23.97 -17.38
CA ALA B 127 3.41 24.77 -16.28
C ALA B 127 4.43 24.96 -15.17
N LEU B 128 5.42 24.09 -15.07
CA LEU B 128 6.27 24.09 -13.88
C LEU B 128 7.00 25.41 -13.61
N PRO B 129 7.52 26.14 -14.61
CA PRO B 129 8.18 27.43 -14.27
C PRO B 129 7.25 28.38 -13.54
N TYR B 130 5.98 28.41 -13.93
CA TYR B 130 5.03 29.30 -13.30
C TYR B 130 4.58 28.80 -11.94
N LEU B 131 4.42 27.48 -11.78
CA LEU B 131 4.09 26.93 -10.47
C LEU B 131 5.21 27.17 -9.48
N ARG B 132 6.46 27.12 -9.93
CA ARG B 132 7.56 27.45 -9.04
C ARG B 132 7.45 28.90 -8.54
N LYS B 133 7.10 29.83 -9.42
CA LYS B 133 7.00 31.23 -9.02
C LYS B 133 5.92 31.44 -7.96
N SER B 134 4.80 30.73 -8.09
CA SER B 134 3.66 30.88 -7.19
C SER B 134 3.70 29.91 -6.02
N GLN B 135 4.71 29.06 -5.94
CA GLN B 135 4.69 27.95 -5.00
C GLN B 135 3.36 27.20 -5.11
N GLY B 136 2.95 26.95 -6.35
CA GLY B 136 1.71 26.26 -6.64
C GLY B 136 1.85 24.75 -6.55
N ASN B 137 0.86 24.05 -7.11
CA ASN B 137 0.79 22.62 -6.94
C ASN B 137 0.10 21.96 -8.12
N VAL B 138 0.34 20.66 -8.25
CA VAL B 138 -0.23 19.83 -9.30
C VAL B 138 -1.12 18.77 -8.65
N ILE B 139 -2.29 18.55 -9.23
CA ILE B 139 -3.21 17.50 -8.82
C ILE B 139 -3.54 16.65 -10.04
N ASN B 140 -3.15 15.38 -10.01
CA ASN B 140 -3.47 14.45 -11.08
C ASN B 140 -4.66 13.61 -10.69
N ILE B 141 -5.63 13.48 -11.58
CA ILE B 141 -6.78 12.62 -11.30
C ILE B 141 -6.46 11.25 -11.89
N SER B 142 -6.24 10.28 -11.01
CA SER B 142 -5.93 8.92 -11.39
C SER B 142 -7.19 8.06 -11.23
N SER B 143 -7.13 6.88 -10.65
CA SER B 143 -8.26 6.02 -10.40
C SER B 143 -7.85 4.94 -9.41
N LEU B 144 -8.80 4.54 -8.57
CA LEU B 144 -8.60 3.38 -7.70
C LEU B 144 -8.13 2.16 -8.47
N VAL B 145 -8.56 2.00 -9.72
CA VAL B 145 -8.21 0.77 -10.43
C VAL B 145 -6.74 0.73 -10.79
N GLY B 146 -6.03 1.87 -10.75
CA GLY B 146 -4.59 1.81 -10.92
C GLY B 146 -3.90 1.10 -9.79
N ALA B 147 -4.49 1.14 -8.59
CA ALA B 147 -3.95 0.56 -7.38
C ALA B 147 -4.35 -0.89 -7.18
N ILE B 148 -5.59 -1.27 -7.52
CA ILE B 148 -6.10 -2.61 -7.23
C ILE B 148 -6.53 -3.36 -8.48
N GLY B 149 -6.38 -2.78 -9.66
CA GLY B 149 -6.80 -3.43 -10.88
C GLY B 149 -8.29 -3.34 -11.07
N GLN B 150 -8.70 -3.70 -12.28
CA GLN B 150 -10.09 -3.86 -12.66
C GLN B 150 -10.13 -4.89 -13.78
N ALA B 151 -11.24 -5.60 -13.87
CA ALA B 151 -11.44 -6.51 -14.96
C ALA B 151 -11.77 -5.77 -16.25
N GLN B 152 -11.38 -6.39 -17.37
CA GLN B 152 -11.73 -5.90 -18.71
C GLN B 152 -11.28 -4.44 -18.93
N ALA B 153 -10.05 -4.13 -18.51
CA ALA B 153 -9.54 -2.77 -18.64
C ALA B 153 -8.02 -2.70 -18.59
N VAL B 154 -7.34 -3.62 -19.27
CA VAL B 154 -5.87 -3.64 -19.17
C VAL B 154 -5.27 -2.30 -19.57
N PRO B 155 -5.60 -1.70 -20.71
CA PRO B 155 -4.98 -0.42 -21.05
C PRO B 155 -5.31 0.69 -20.07
N TYR B 156 -6.58 0.82 -19.68
CA TYR B 156 -6.95 1.90 -18.77
C TYR B 156 -6.21 1.77 -17.45
N VAL B 157 -6.20 0.57 -16.88
CA VAL B 157 -5.54 0.33 -15.60
C VAL B 157 -4.07 0.69 -15.68
N ALA B 158 -3.40 0.25 -16.76
CA ALA B 158 -2.00 0.58 -16.94
C ALA B 158 -1.79 2.10 -16.96
N THR B 159 -2.66 2.84 -17.69
CA THR B 159 -2.45 4.29 -17.76
C THR B 159 -2.60 4.94 -16.39
N LYS B 160 -3.53 4.47 -15.57
CA LYS B 160 -3.73 5.08 -14.27
C LYS B 160 -2.67 4.66 -13.26
N GLY B 161 -2.15 3.43 -13.37
CA GLY B 161 -0.96 3.07 -12.59
C GLY B 161 0.22 3.96 -12.95
N ALA B 162 0.36 4.29 -14.23
CA ALA B 162 1.41 5.22 -14.65
C ALA B 162 1.20 6.62 -14.05
N VAL B 163 -0.04 7.11 -14.06
CA VAL B 163 -0.30 8.45 -13.54
C VAL B 163 0.04 8.52 -12.05
N THR B 164 -0.37 7.52 -11.28
CA THR B 164 -0.10 7.56 -9.85
C THR B 164 1.38 7.51 -9.58
N ALA B 165 2.10 6.64 -10.30
CA ALA B 165 3.53 6.56 -10.09
C ALA B 165 4.23 7.86 -10.54
N MET B 166 3.82 8.38 -11.70
CA MET B 166 4.41 9.62 -12.20
C MET B 166 4.20 10.78 -11.23
N THR B 167 3.07 10.79 -10.54
CA THR B 167 2.82 11.78 -9.50
C THR B 167 3.93 11.75 -8.44
N LYS B 168 4.31 10.56 -8.01
CA LYS B 168 5.35 10.45 -6.98
C LYS B 168 6.71 10.87 -7.51
N ALA B 169 7.03 10.50 -8.76
CA ALA B 169 8.28 10.93 -9.36
C ALA B 169 8.35 12.45 -9.47
N LEU B 170 7.26 13.06 -9.94
CA LEU B 170 7.20 14.51 -10.07
C LEU B 170 7.28 15.19 -8.71
N ALA B 171 6.65 14.60 -7.69
CA ALA B 171 6.74 15.16 -6.35
C ALA B 171 8.19 15.22 -5.89
N LEU B 172 8.95 14.17 -6.17
CA LEU B 172 10.35 14.16 -5.79
C LEU B 172 11.16 15.21 -6.57
N ASP B 173 10.88 15.35 -7.87
CA ASP B 173 11.60 16.31 -8.69
C ASP B 173 11.29 17.75 -8.34
N GLU B 174 10.07 18.04 -7.88
CA GLU B 174 9.65 19.44 -7.70
C GLU B 174 9.59 19.87 -6.24
N SER B 175 9.74 18.93 -5.31
CA SER B 175 9.86 19.30 -3.91
C SER B 175 10.99 20.28 -3.62
N PRO B 176 12.14 20.29 -4.32
CA PRO B 176 13.16 21.32 -4.01
C PRO B 176 12.68 22.74 -4.27
N TYR B 177 11.65 22.90 -5.07
CA TYR B 177 11.08 24.20 -5.37
C TYR B 177 9.85 24.52 -4.57
N GLY B 178 9.43 23.63 -3.66
CA GLY B 178 8.23 23.87 -2.89
C GLY B 178 6.93 23.60 -3.63
N VAL B 179 6.99 22.89 -4.74
CA VAL B 179 5.81 22.59 -5.56
C VAL B 179 5.33 21.18 -5.21
N ARG B 180 4.17 21.09 -4.60
CA ARG B 180 3.57 19.81 -4.26
C ARG B 180 2.89 19.17 -5.47
N VAL B 181 2.96 17.85 -5.54
CA VAL B 181 2.36 17.09 -6.63
C VAL B 181 1.63 15.90 -6.01
N ASN B 182 0.32 15.86 -6.15
CA ASN B 182 -0.51 14.85 -5.52
C ASN B 182 -1.48 14.27 -6.53
N CYS B 183 -2.09 13.14 -6.18
CA CYS B 183 -3.15 12.61 -7.02
C CYS B 183 -4.36 12.22 -6.17
N ILE B 184 -5.49 12.21 -6.86
CA ILE B 184 -6.76 11.75 -6.33
C ILE B 184 -7.13 10.51 -7.13
N SER B 185 -7.50 9.45 -6.42
CA SER B 185 -7.94 8.21 -7.06
C SER B 185 -9.41 7.97 -6.78
N PRO B 186 -10.30 8.42 -7.67
CA PRO B 186 -11.71 8.12 -7.50
C PRO B 186 -11.99 6.66 -7.78
N GLY B 187 -13.03 6.15 -7.12
CA GLY B 187 -13.63 4.88 -7.45
C GLY B 187 -14.78 5.07 -8.40
N ASN B 188 -15.96 4.57 -8.00
CA ASN B 188 -17.18 4.71 -8.79
C ASN B 188 -17.82 6.04 -8.48
N ILE B 189 -17.81 6.95 -9.46
CA ILE B 189 -18.43 8.26 -9.36
C ILE B 189 -19.57 8.31 -10.38
N TRP B 190 -20.77 8.67 -9.93
CA TRP B 190 -21.92 8.71 -10.84
C TRP B 190 -21.81 9.94 -11.74
N THR B 191 -21.81 9.69 -13.03
CA THR B 191 -21.62 10.72 -14.05
C THR B 191 -22.34 10.25 -15.31
N PRO B 192 -22.49 11.14 -16.30
CA PRO B 192 -22.95 10.68 -17.62
C PRO B 192 -22.07 9.59 -18.23
N LEU B 193 -20.75 9.64 -18.01
CA LEU B 193 -19.88 8.56 -18.49
C LEU B 193 -20.26 7.22 -17.87
N TRP B 194 -20.43 7.19 -16.55
CA TRP B 194 -20.86 5.94 -15.90
C TRP B 194 -22.18 5.46 -16.49
N GLU B 195 -23.13 6.39 -16.68
CA GLU B 195 -24.43 6.01 -17.20
C GLU B 195 -24.33 5.50 -18.64
N GLU B 196 -23.44 6.08 -19.44
CA GLU B 196 -23.27 5.62 -20.81
C GLU B 196 -22.67 4.22 -20.85
N LEU B 197 -21.70 3.94 -19.98
CA LEU B 197 -21.11 2.61 -19.93
C LEU B 197 -22.13 1.58 -19.45
N ALA B 198 -22.97 1.94 -18.47
CA ALA B 198 -24.00 1.00 -18.01
C ALA B 198 -25.01 0.72 -19.11
N ALA B 199 -25.31 1.74 -19.93
CA ALA B 199 -26.30 1.58 -21.00
C ALA B 199 -25.82 0.59 -22.05
N LEU B 200 -24.50 0.43 -22.19
CA LEU B 200 -23.97 -0.61 -23.06
C LEU B 200 -24.35 -2.01 -22.60
N MET B 201 -24.72 -2.18 -21.31
CA MET B 201 -24.94 -3.50 -20.76
C MET B 201 -26.35 -4.01 -21.09
N PRO B 202 -26.54 -5.33 -21.12
CA PRO B 202 -27.88 -5.87 -21.37
C PRO B 202 -28.90 -5.48 -20.30
N ASP B 203 -28.48 -5.32 -19.05
CA ASP B 203 -29.38 -4.93 -17.95
C ASP B 203 -28.72 -3.74 -17.26
N PRO B 204 -28.92 -2.54 -17.80
CA PRO B 204 -28.27 -1.36 -17.20
C PRO B 204 -28.62 -1.16 -15.73
N ARG B 205 -29.90 -1.36 -15.36
CA ARG B 205 -30.29 -1.18 -13.96
C ARG B 205 -29.48 -2.09 -13.05
N ALA B 206 -29.29 -3.35 -13.46
CA ALA B 206 -28.51 -4.29 -12.66
C ALA B 206 -27.05 -3.87 -12.59
N SER B 207 -26.48 -3.38 -13.70
CA SER B 207 -25.10 -2.91 -13.68
C SER B 207 -24.94 -1.73 -12.74
N ILE B 208 -25.92 -0.82 -12.74
CA ILE B 208 -25.86 0.33 -11.84
C ILE B 208 -25.95 -0.14 -10.39
N ARG B 209 -26.84 -1.09 -10.09
CA ARG B 209 -26.97 -1.57 -8.72
C ARG B 209 -25.67 -2.22 -8.26
N GLU B 210 -25.07 -3.04 -9.13
CA GLU B 210 -23.75 -3.60 -8.82
C GLU B 210 -22.75 -2.49 -8.54
N GLY B 211 -22.78 -1.44 -9.35
CA GLY B 211 -21.86 -0.33 -9.16
C GLY B 211 -22.06 0.37 -7.83
N MET B 212 -23.31 0.53 -7.40
CA MET B 212 -23.59 1.13 -6.11
C MET B 212 -23.13 0.25 -4.96
N LEU B 213 -23.31 -1.07 -5.11
CA LEU B 213 -23.01 -1.99 -4.02
C LEU B 213 -21.54 -2.38 -3.97
N ALA B 214 -20.72 -1.86 -4.88
CA ALA B 214 -19.29 -2.08 -4.82
C ALA B 214 -18.63 -1.25 -3.74
N GLN B 215 -19.37 -0.32 -3.13
CA GLN B 215 -18.84 0.48 -2.03
C GLN B 215 -19.53 0.08 -0.74
N PRO B 216 -18.81 -0.08 0.35
CA PRO B 216 -19.48 -0.32 1.64
C PRO B 216 -20.52 0.74 1.96
N LEU B 217 -20.33 1.99 1.51
CA LEU B 217 -21.32 3.03 1.76
C LEU B 217 -22.62 2.81 0.99
N GLY B 218 -22.62 1.93 -0.03
CA GLY B 218 -23.85 1.56 -0.71
C GLY B 218 -24.32 2.56 -1.74
N ARG B 219 -23.47 3.49 -2.11
CA ARG B 219 -23.76 4.44 -3.16
C ARG B 219 -22.47 4.73 -3.93
N MET B 220 -22.65 5.33 -5.10
CA MET B 220 -21.52 5.90 -5.81
C MET B 220 -21.23 7.31 -5.31
N GLY B 221 -20.05 7.80 -5.66
CA GLY B 221 -19.67 9.16 -5.34
C GLY B 221 -20.22 10.18 -6.31
N GLN B 222 -20.01 11.45 -5.96
CA GLN B 222 -20.43 12.59 -6.75
C GLN B 222 -19.22 13.36 -7.26
N PRO B 223 -19.30 13.94 -8.47
CA PRO B 223 -18.23 14.85 -8.91
C PRO B 223 -17.89 15.92 -7.87
N ALA B 224 -18.87 16.44 -7.16
CA ALA B 224 -18.60 17.46 -6.15
C ALA B 224 -17.68 16.93 -5.06
N GLU B 225 -17.74 15.64 -4.77
CA GLU B 225 -16.87 15.10 -3.73
C GLU B 225 -15.42 15.00 -4.20
N VAL B 226 -15.21 14.65 -5.47
CA VAL B 226 -13.85 14.73 -6.02
C VAL B 226 -13.38 16.19 -6.02
N GLY B 227 -14.27 17.11 -6.40
CA GLY B 227 -13.91 18.53 -6.41
C GLY B 227 -13.46 19.02 -5.05
N ALA B 228 -14.19 18.64 -3.99
CA ALA B 228 -13.82 19.05 -2.64
C ALA B 228 -12.46 18.49 -2.24
N ALA B 229 -12.16 17.25 -2.63
CA ALA B 229 -10.84 16.70 -2.37
C ALA B 229 -9.76 17.49 -3.10
N ALA B 230 -10.03 17.94 -4.31
CA ALA B 230 -9.05 18.72 -5.06
C ALA B 230 -8.81 20.08 -4.42
N VAL B 231 -9.89 20.77 -3.99
CA VAL B 231 -9.71 22.04 -3.31
C VAL B 231 -8.89 21.86 -2.03
N PHE B 232 -9.14 20.78 -1.28
CA PHE B 232 -8.32 20.49 -0.10
C PHE B 232 -6.85 20.36 -0.49
N LEU B 233 -6.55 19.54 -1.51
CA LEU B 233 -5.15 19.35 -1.88
C LEU B 233 -4.51 20.66 -2.31
N ALA B 234 -5.25 21.52 -3.00
CA ALA B 234 -4.66 22.76 -3.47
C ALA B 234 -4.43 23.74 -2.32
N SER B 235 -5.41 23.88 -1.44
CA SER B 235 -5.47 25.02 -0.53
C SER B 235 -5.07 24.71 0.91
N GLU B 236 -5.17 23.45 1.35
CA GLU B 236 -5.00 23.15 2.77
C GLU B 236 -4.08 21.97 3.07
N ALA B 237 -3.56 21.29 2.07
CA ALA B 237 -2.75 20.10 2.29
C ALA B 237 -1.27 20.42 2.13
N ASN B 238 -0.80 21.43 2.86
CA ASN B 238 0.49 22.03 2.58
C ASN B 238 1.68 21.16 2.98
N PHE B 239 1.46 20.09 3.74
CA PHE B 239 2.50 19.12 4.03
C PHE B 239 2.26 17.79 3.31
N CYS B 240 1.38 17.77 2.32
CA CYS B 240 1.15 16.57 1.51
C CYS B 240 1.81 16.72 0.15
N THR B 241 2.69 15.78 -0.20
CA THR B 241 3.16 15.69 -1.56
C THR B 241 3.38 14.22 -1.87
N GLY B 242 3.09 13.85 -3.12
CA GLY B 242 3.19 12.47 -3.52
C GLY B 242 2.14 11.54 -2.96
N ILE B 243 1.02 12.06 -2.44
CA ILE B 243 0.00 11.20 -1.86
C ILE B 243 -0.99 10.79 -2.93
N GLU B 244 -1.68 9.70 -2.65
CA GLU B 244 -2.81 9.20 -3.42
C GLU B 244 -4.03 9.27 -2.50
N LEU B 245 -4.89 10.25 -2.76
CA LEU B 245 -6.07 10.49 -1.93
C LEU B 245 -7.24 9.70 -2.52
N LEU B 246 -7.65 8.65 -1.82
CA LEU B 246 -8.71 7.77 -2.29
C LEU B 246 -10.08 8.39 -2.05
N VAL B 247 -10.88 8.48 -3.11
CA VAL B 247 -12.25 8.97 -3.03
C VAL B 247 -13.13 7.87 -3.62
N THR B 248 -13.37 6.83 -2.82
CA THR B 248 -13.85 5.55 -3.31
C THR B 248 -15.01 4.97 -2.52
N GLY B 249 -15.41 5.60 -1.41
CA GLY B 249 -16.49 5.05 -0.60
C GLY B 249 -16.15 3.75 0.07
N GLY B 250 -14.86 3.41 0.17
CA GLY B 250 -14.43 2.18 0.80
C GLY B 250 -14.40 0.96 -0.10
N ALA B 251 -14.46 1.15 -1.42
CA ALA B 251 -14.55 0.00 -2.32
C ALA B 251 -13.36 -0.95 -2.19
N GLU B 252 -12.20 -0.45 -1.79
CA GLU B 252 -11.00 -1.28 -1.66
C GLU B 252 -10.97 -2.11 -0.38
N LEU B 253 -11.89 -1.88 0.55
CA LEU B 253 -11.88 -2.52 1.86
C LEU B 253 -12.63 -3.84 1.87
N GLY B 254 -12.14 -4.77 2.68
CA GLY B 254 -12.81 -6.04 2.91
C GLY B 254 -12.93 -6.99 1.73
N TYR B 255 -13.56 -8.12 2.01
CA TYR B 255 -13.85 -9.14 1.01
C TYR B 255 -15.13 -8.81 0.25
N GLY B 256 -15.16 -9.19 -1.02
CA GLY B 256 -16.35 -9.03 -1.83
C GLY B 256 -16.38 -10.06 -2.93
N CYS B 257 -17.32 -9.96 -3.87
CA CYS B 257 -17.50 -10.96 -4.95
C CYS B 257 -16.55 -10.66 -6.10
N LYS B 258 -15.56 -11.52 -6.32
CA LYS B 258 -14.57 -11.29 -7.38
C LYS B 258 -14.55 -12.39 -8.43
N ALA B 259 -15.32 -13.46 -8.27
CA ALA B 259 -15.46 -14.49 -9.30
C ALA B 259 -16.95 -14.84 -9.44
N SER B 260 -17.27 -15.60 -10.49
CA SER B 260 -18.64 -16.06 -10.69
C SER B 260 -18.67 -17.59 -10.80
N ARG B 261 -19.83 -18.16 -10.46
CA ARG B 261 -20.04 -19.60 -10.49
C ARG B 261 -20.07 -20.11 -11.94
N PRO B 271 -13.61 -26.87 -1.80
CA PRO B 271 -13.56 -25.40 -1.83
C PRO B 271 -12.18 -24.83 -2.16
N SER B 272 -11.12 -25.65 -2.06
CA SER B 272 -9.77 -25.18 -2.38
C SER B 272 -9.20 -25.94 -3.59
N GLY B 273 -10.07 -26.46 -4.44
CA GLY B 273 -9.64 -27.14 -5.65
C GLY B 273 -9.24 -28.56 -5.38
N GLY C 6 13.45 -31.65 -0.64
CA GLY C 6 14.14 -32.53 0.28
C GLY C 6 15.39 -31.92 0.89
N THR C 7 16.04 -30.99 0.17
CA THR C 7 17.27 -30.40 0.66
C THR C 7 17.30 -28.88 0.64
N ARG C 8 16.20 -28.23 0.27
CA ARG C 8 16.20 -26.78 0.17
C ARG C 8 16.48 -26.11 1.50
N TYR C 9 16.13 -26.77 2.61
CA TYR C 9 16.38 -26.21 3.93
C TYR C 9 16.89 -27.32 4.85
N ALA C 10 17.75 -28.17 4.30
CA ALA C 10 18.22 -29.34 5.02
C ALA C 10 19.08 -28.95 6.21
N GLY C 11 18.84 -29.62 7.32
CA GLY C 11 19.62 -29.44 8.53
C GLY C 11 19.24 -28.23 9.33
N LYS C 12 18.41 -27.35 8.79
N LYS C 12 18.33 -27.39 8.83
CA LYS C 12 17.99 -26.18 9.54
CA LYS C 12 17.96 -26.16 9.51
C LYS C 12 17.04 -26.60 10.65
C LYS C 12 16.82 -26.41 10.50
N VAL C 13 16.88 -25.71 11.63
CA VAL C 13 15.99 -25.92 12.76
C VAL C 13 14.89 -24.85 12.73
N VAL C 14 13.65 -25.30 12.68
CA VAL C 14 12.50 -24.42 12.51
C VAL C 14 11.52 -24.67 13.65
N VAL C 15 11.06 -23.60 14.29
CA VAL C 15 9.99 -23.66 15.28
C VAL C 15 8.73 -23.12 14.64
N VAL C 16 7.61 -23.84 14.76
CA VAL C 16 6.33 -23.37 14.25
C VAL C 16 5.34 -23.34 15.41
N THR C 17 4.89 -22.16 15.80
CA THR C 17 3.83 -22.07 16.80
C THR C 17 2.47 -22.23 16.15
N GLY C 18 1.54 -22.79 16.90
CA GLY C 18 0.26 -23.15 16.31
C GLY C 18 0.40 -24.11 15.16
N GLY C 19 1.36 -25.04 15.25
CA GLY C 19 1.67 -25.92 14.14
C GLY C 19 0.88 -27.21 14.09
N GLY C 20 -0.07 -27.40 15.01
CA GLY C 20 -0.77 -28.67 15.15
C GLY C 20 -1.85 -28.94 14.12
N ARG C 21 -2.43 -27.92 13.49
CA ARG C 21 -3.50 -28.18 12.53
C ARG C 21 -3.58 -27.04 11.54
N GLY C 22 -4.45 -27.22 10.54
CA GLY C 22 -4.77 -26.13 9.63
C GLY C 22 -3.55 -25.57 8.95
N ILE C 23 -3.49 -24.24 8.87
CA ILE C 23 -2.36 -23.55 8.23
C ILE C 23 -1.05 -23.97 8.88
N GLY C 24 -1.01 -23.99 10.21
CA GLY C 24 0.23 -24.33 10.89
C GLY C 24 0.75 -25.71 10.53
N ALA C 25 -0.16 -26.69 10.44
CA ALA C 25 0.29 -28.03 10.06
C ALA C 25 0.79 -28.07 8.63
N GLY C 26 0.18 -27.28 7.75
CA GLY C 26 0.70 -27.19 6.38
C GLY C 26 2.10 -26.60 6.35
N ILE C 27 2.36 -25.62 7.21
CA ILE C 27 3.70 -25.05 7.31
C ILE C 27 4.68 -26.10 7.83
N VAL C 28 4.30 -26.82 8.91
CA VAL C 28 5.15 -27.89 9.44
C VAL C 28 5.49 -28.88 8.34
N ARG C 29 4.48 -29.36 7.61
CA ARG C 29 4.71 -30.38 6.58
C ARG C 29 5.62 -29.87 5.48
N ALA C 30 5.43 -28.61 5.07
CA ALA C 30 6.29 -28.03 4.04
C ALA C 30 7.75 -27.98 4.50
N PHE C 31 7.99 -27.58 5.74
CA PHE C 31 9.37 -27.52 6.22
C PHE C 31 9.97 -28.92 6.38
N VAL C 32 9.19 -29.90 6.86
CA VAL C 32 9.74 -31.26 6.93
C VAL C 32 10.12 -31.73 5.53
N ASN C 33 9.26 -31.46 4.54
CA ASN C 33 9.56 -31.90 3.18
C ASN C 33 10.79 -31.22 2.59
N SER C 34 11.17 -30.04 3.10
CA SER C 34 12.37 -29.35 2.65
C SER C 34 13.64 -29.83 3.35
N GLY C 35 13.53 -30.79 4.26
CA GLY C 35 14.68 -31.35 4.94
C GLY C 35 14.99 -30.73 6.28
N ALA C 36 14.17 -29.81 6.74
CA ALA C 36 14.37 -29.14 8.01
C ALA C 36 13.95 -30.04 9.18
N ARG C 37 14.50 -29.73 10.34
CA ARG C 37 14.06 -30.29 11.61
C ARG C 37 13.08 -29.31 12.24
N VAL C 38 11.86 -29.76 12.52
CA VAL C 38 10.77 -28.88 12.89
C VAL C 38 10.29 -29.19 14.31
N VAL C 39 10.23 -28.16 15.15
CA VAL C 39 9.64 -28.22 16.48
C VAL C 39 8.25 -27.57 16.41
N ILE C 40 7.24 -28.37 16.73
CA ILE C 40 5.83 -27.96 16.72
C ILE C 40 5.47 -27.50 18.12
N CYS C 41 5.06 -26.24 18.27
CA CYS C 41 4.54 -25.69 19.52
C CYS C 41 3.03 -25.53 19.37
N ASP C 42 2.25 -26.28 20.15
CA ASP C 42 0.80 -26.13 20.10
C ASP C 42 0.15 -26.67 21.37
N LYS C 43 -1.10 -26.26 21.59
CA LYS C 43 -1.88 -26.71 22.74
C LYS C 43 -2.65 -28.00 22.51
N ASP C 44 -2.75 -28.47 21.27
CA ASP C 44 -3.52 -29.67 20.95
C ASP C 44 -2.62 -30.88 21.09
N GLU C 45 -2.77 -31.62 22.20
CA GLU C 45 -1.90 -32.77 22.46
C GLU C 45 -2.07 -33.84 21.39
N SER C 46 -3.32 -34.22 21.10
CA SER C 46 -3.58 -35.30 20.15
C SER C 46 -3.04 -34.95 18.77
N GLY C 47 -3.42 -33.80 18.23
CA GLY C 47 -2.97 -33.44 16.89
C GLY C 47 -1.47 -33.24 16.81
N GLY C 48 -0.89 -32.71 17.89
CA GLY C 48 0.56 -32.51 17.90
C GLY C 48 1.31 -33.83 17.93
N ARG C 49 0.90 -34.74 18.82
CA ARG C 49 1.51 -36.07 18.88
C ARG C 49 1.32 -36.80 17.56
N ALA C 50 0.16 -36.61 16.92
CA ALA C 50 -0.13 -37.30 15.67
C ALA C 50 0.78 -36.83 14.55
N LEU C 51 1.03 -35.50 14.47
CA LEU C 51 1.96 -35.01 13.46
C LEU C 51 3.36 -35.51 13.72
N GLU C 52 3.78 -35.49 14.98
CA GLU C 52 5.09 -36.00 15.35
C GLU C 52 5.22 -37.45 14.91
N GLN C 53 4.18 -38.26 15.15
CA GLN C 53 4.21 -39.65 14.73
C GLN C 53 4.26 -39.76 13.20
N GLU C 54 3.58 -38.85 12.51
CA GLU C 54 3.48 -38.94 11.06
C GLU C 54 4.76 -38.46 10.36
N LEU C 55 5.48 -37.52 10.94
CA LEU C 55 6.59 -36.84 10.26
C LEU C 55 7.86 -37.18 11.02
N PRO C 56 8.63 -38.16 10.58
CA PRO C 56 9.88 -38.47 11.29
C PRO C 56 10.79 -37.26 11.39
N GLY C 57 11.38 -37.09 12.57
CA GLY C 57 12.28 -36.00 12.85
C GLY C 57 11.59 -34.78 13.41
N ALA C 58 10.27 -34.65 13.24
CA ALA C 58 9.54 -33.56 13.85
C ALA C 58 9.37 -33.82 15.33
N VAL C 59 9.33 -32.74 16.11
CA VAL C 59 9.24 -32.79 17.56
C VAL C 59 8.03 -31.98 18.00
N PHE C 60 7.20 -32.54 18.86
CA PHE C 60 6.06 -31.81 19.41
C PHE C 60 6.33 -31.42 20.86
N ILE C 61 6.05 -30.15 21.17
CA ILE C 61 6.08 -29.64 22.54
C ILE C 61 4.69 -29.05 22.82
N LEU C 62 4.04 -29.57 23.86
CA LEU C 62 2.80 -28.98 24.35
C LEU C 62 3.11 -27.59 24.90
N CYS C 63 2.51 -26.56 24.29
CA CYS C 63 3.11 -25.24 24.39
C CYS C 63 2.06 -24.18 24.10
N ASP C 64 1.88 -23.24 25.03
CA ASP C 64 0.94 -22.12 24.92
C ASP C 64 1.77 -20.84 24.88
N VAL C 65 1.82 -20.16 23.73
CA VAL C 65 2.71 -19.01 23.58
C VAL C 65 2.34 -17.83 24.47
N THR C 66 1.14 -17.82 25.05
CA THR C 66 0.77 -16.76 25.99
C THR C 66 1.37 -16.96 27.36
N GLN C 67 2.04 -18.08 27.60
CA GLN C 67 2.66 -18.41 28.88
C GLN C 67 4.16 -18.29 28.73
N GLU C 68 4.74 -17.30 29.41
CA GLU C 68 6.16 -17.02 29.23
C GLU C 68 7.02 -18.24 29.57
N ASP C 69 6.62 -19.02 30.58
CA ASP C 69 7.40 -20.22 30.90
C ASP C 69 7.38 -21.24 29.76
N ASP C 70 6.24 -21.36 29.07
CA ASP C 70 6.18 -22.25 27.90
C ASP C 70 7.12 -21.76 26.81
N VAL C 71 7.17 -20.46 26.57
CA VAL C 71 8.05 -19.92 25.54
C VAL C 71 9.51 -20.14 25.91
N LYS C 72 9.87 -19.92 27.18
CA LYS C 72 11.25 -20.14 27.61
C LYS C 72 11.66 -21.60 27.42
N THR C 73 10.76 -22.52 27.77
CA THR C 73 11.03 -23.95 27.59
C THR C 73 11.15 -24.31 26.12
N LEU C 74 10.27 -23.74 25.28
CA LEU C 74 10.33 -23.99 23.85
C LEU C 74 11.72 -23.66 23.30
N VAL C 75 12.22 -22.47 23.62
CA VAL C 75 13.53 -22.06 23.11
C VAL C 75 14.64 -22.90 23.74
N SER C 76 14.63 -23.03 25.07
CA SER C 76 15.74 -23.71 25.73
C SER C 76 15.83 -25.17 25.30
N GLU C 77 14.70 -25.86 25.19
N GLU C 77 14.68 -25.86 25.22
CA GLU C 77 14.77 -27.27 24.79
CA GLU C 77 14.68 -27.26 24.78
C GLU C 77 15.11 -27.43 23.32
C GLU C 77 15.14 -27.39 23.34
N THR C 78 14.72 -26.46 22.48
CA THR C 78 15.14 -26.53 21.08
C THR C 78 16.65 -26.38 20.95
N ILE C 79 17.23 -25.41 21.67
CA ILE C 79 18.67 -25.23 21.63
C ILE C 79 19.39 -26.42 22.27
N ARG C 80 18.86 -26.94 23.37
CA ARG C 80 19.49 -28.10 23.98
C ARG C 80 19.49 -29.30 23.02
N ARG C 81 18.41 -29.46 22.25
CA ARG C 81 18.29 -30.58 21.33
C ARG C 81 19.23 -30.44 20.13
N PHE C 82 19.28 -29.25 19.52
CA PHE C 82 19.94 -29.05 18.23
C PHE C 82 21.10 -28.10 18.25
N GLY C 83 21.28 -27.28 19.27
CA GLY C 83 22.41 -26.39 19.30
C GLY C 83 22.25 -25.16 18.45
N ARG C 84 21.12 -25.00 17.76
CA ARG C 84 20.93 -23.90 16.83
C ARG C 84 19.44 -23.69 16.63
N LEU C 85 19.11 -22.52 16.09
CA LEU C 85 17.75 -22.18 15.71
C LEU C 85 17.85 -21.29 14.48
N ASP C 86 17.22 -21.71 13.38
CA ASP C 86 17.35 -21.01 12.11
C ASP C 86 16.12 -20.22 11.70
N CYS C 87 14.93 -20.65 12.11
CA CYS C 87 13.71 -19.99 11.66
C CYS C 87 12.63 -20.15 12.72
N VAL C 88 11.95 -19.04 13.03
CA VAL C 88 10.76 -19.05 13.88
C VAL C 88 9.58 -18.64 13.02
N VAL C 89 8.56 -19.48 12.98
CA VAL C 89 7.30 -19.17 12.29
C VAL C 89 6.25 -18.97 13.36
N ASN C 90 5.78 -17.71 13.50
CA ASN C 90 4.78 -17.35 14.49
C ASN C 90 3.41 -17.45 13.82
N ASN C 91 2.81 -18.63 13.95
CA ASN C 91 1.49 -18.87 13.40
C ASN C 91 0.41 -18.96 14.45
N ALA C 92 0.76 -19.05 15.73
CA ALA C 92 -0.26 -19.08 16.76
C ALA C 92 -1.16 -17.87 16.63
N GLY C 93 -2.44 -18.10 16.85
CA GLY C 93 -3.44 -17.04 16.77
C GLY C 93 -4.80 -17.64 16.60
N HIS C 94 -5.80 -16.81 16.90
CA HIS C 94 -7.19 -17.23 16.90
C HIS C 94 -8.03 -16.22 16.14
N HIS C 95 -8.98 -16.71 15.32
CA HIS C 95 -9.98 -15.84 14.69
C HIS C 95 -11.32 -16.06 15.40
N PRO C 96 -11.85 -15.06 16.09
CA PRO C 96 -13.15 -15.19 16.75
C PRO C 96 -14.26 -15.35 15.73
N PRO C 97 -15.43 -15.80 16.15
CA PRO C 97 -16.59 -15.75 15.27
C PRO C 97 -16.91 -14.31 14.92
N PRO C 98 -17.76 -14.09 13.92
CA PRO C 98 -18.14 -12.73 13.55
C PRO C 98 -18.71 -11.99 14.76
N GLN C 99 -18.27 -10.75 14.94
CA GLN C 99 -18.76 -9.94 16.06
C GLN C 99 -18.81 -8.48 15.62
N ARG C 100 -19.99 -7.87 15.74
CA ARG C 100 -20.12 -6.44 15.53
C ARG C 100 -19.40 -5.71 16.67
N PRO C 101 -19.02 -4.45 16.45
CA PRO C 101 -18.27 -3.75 17.53
C PRO C 101 -18.97 -3.80 18.87
N GLU C 102 -20.30 -3.67 18.90
CA GLU C 102 -21.06 -3.67 20.14
C GLU C 102 -20.97 -5.00 20.87
N GLU C 103 -20.69 -6.07 20.13
CA GLU C 103 -20.64 -7.44 20.66
C GLU C 103 -19.25 -7.83 21.10
N THR C 104 -18.29 -6.91 21.05
CA THR C 104 -16.93 -7.16 21.54
C THR C 104 -16.76 -6.49 22.90
N SER C 105 -15.74 -6.93 23.63
CA SER C 105 -15.40 -6.34 24.91
C SER C 105 -13.92 -6.02 24.95
N ALA C 106 -13.57 -5.03 25.79
CA ALA C 106 -12.17 -4.72 26.00
C ALA C 106 -11.41 -5.92 26.54
N GLN C 107 -12.01 -6.67 27.46
CA GLN C 107 -11.32 -7.85 28.00
C GLN C 107 -11.08 -8.89 26.90
N GLY C 108 -12.08 -9.12 26.06
CA GLY C 108 -11.88 -10.06 24.96
C GLY C 108 -10.81 -9.58 24.00
N PHE C 109 -10.80 -8.27 23.73
CA PHE C 109 -9.79 -7.65 22.87
C PHE C 109 -8.40 -7.86 23.47
N ARG C 110 -8.25 -7.63 24.78
CA ARG C 110 -6.96 -7.84 25.45
C ARG C 110 -6.51 -9.28 25.33
N GLN C 111 -7.43 -10.22 25.52
N GLN C 111 -7.44 -10.22 25.56
CA GLN C 111 -7.03 -11.62 25.43
CA GLN C 111 -7.13 -11.64 25.42
C GLN C 111 -6.67 -12.01 24.01
C GLN C 111 -6.62 -11.94 24.01
N LEU C 112 -7.30 -11.40 23.01
CA LEU C 112 -6.92 -11.69 21.63
C LEU C 112 -5.56 -11.07 21.30
N LEU C 113 -5.26 -9.90 21.84
CA LEU C 113 -3.92 -9.34 21.69
C LEU C 113 -2.86 -10.23 22.32
N GLU C 114 -3.18 -10.84 23.48
CA GLU C 114 -2.24 -11.79 24.10
C GLU C 114 -1.93 -12.95 23.19
N LEU C 115 -2.97 -13.53 22.60
CA LEU C 115 -2.80 -14.71 21.76
C LEU C 115 -2.16 -14.35 20.42
N ASN C 116 -2.64 -13.31 19.77
CA ASN C 116 -2.28 -13.05 18.38
C ASN C 116 -1.05 -12.18 18.23
N LEU C 117 -0.74 -11.34 19.21
CA LEU C 117 0.37 -10.38 19.10
C LEU C 117 1.47 -10.61 20.13
N LEU C 118 1.12 -10.66 21.41
CA LEU C 118 2.18 -10.67 22.43
C LEU C 118 2.90 -12.02 22.50
N GLY C 119 2.26 -13.12 22.11
CA GLY C 119 2.99 -14.37 22.00
C GLY C 119 4.06 -14.32 20.94
N THR C 120 3.73 -13.76 19.77
CA THR C 120 4.73 -13.54 18.74
C THR C 120 5.87 -12.67 19.25
N TYR C 121 5.54 -11.60 19.96
CA TYR C 121 6.57 -10.73 20.51
C TYR C 121 7.48 -11.47 21.47
N THR C 122 6.91 -12.23 22.42
N THR C 122 6.91 -12.22 22.42
CA THR C 122 7.71 -12.86 23.46
CA THR C 122 7.71 -12.87 23.45
C THR C 122 8.63 -13.92 22.89
C THR C 122 8.64 -13.92 22.87
N LEU C 123 8.12 -14.79 22.01
CA LEU C 123 8.97 -15.81 21.40
C LEU C 123 10.05 -15.17 20.54
N THR C 124 9.69 -14.19 19.73
CA THR C 124 10.71 -13.57 18.87
C THR C 124 11.84 -12.99 19.70
N LYS C 125 11.49 -12.27 20.77
CA LYS C 125 12.52 -11.69 21.64
C LYS C 125 13.45 -12.77 22.19
N LEU C 126 12.89 -13.89 22.70
CA LEU C 126 13.73 -14.93 23.29
C LEU C 126 14.55 -15.66 22.23
N ALA C 127 14.04 -15.75 21.00
CA ALA C 127 14.74 -16.46 19.95
C ALA C 127 15.83 -15.64 19.30
N LEU C 128 15.74 -14.31 19.36
CA LEU C 128 16.62 -13.48 18.54
C LEU C 128 18.11 -13.72 18.82
N PRO C 129 18.55 -13.94 20.06
CA PRO C 129 19.98 -14.21 20.26
C PRO C 129 20.48 -15.39 19.44
N TYR C 130 19.67 -16.45 19.34
CA TYR C 130 20.08 -17.62 18.58
C TYR C 130 19.96 -17.40 17.08
N LEU C 131 18.93 -16.65 16.66
CA LEU C 131 18.78 -16.33 15.24
C LEU C 131 19.94 -15.47 14.75
N ARG C 132 20.42 -14.54 15.57
CA ARG C 132 21.59 -13.76 15.18
C ARG C 132 22.79 -14.66 14.93
N LYS C 133 22.96 -15.68 15.77
CA LYS C 133 24.11 -16.57 15.65
C LYS C 133 24.06 -17.35 14.34
N SER C 134 22.88 -17.77 13.91
CA SER C 134 22.71 -18.57 12.71
C SER C 134 22.39 -17.75 11.47
N GLN C 135 22.30 -16.43 11.61
CA GLN C 135 21.75 -15.59 10.54
C GLN C 135 20.41 -16.14 10.07
N GLY C 136 19.57 -16.51 11.03
CA GLY C 136 18.28 -17.06 10.74
C GLY C 136 17.25 -15.99 10.44
N ASN C 137 15.98 -16.37 10.50
CA ASN C 137 14.93 -15.47 10.06
C ASN C 137 13.63 -15.76 10.82
N VAL C 138 12.75 -14.76 10.80
CA VAL C 138 11.44 -14.82 11.44
C VAL C 138 10.39 -14.68 10.37
N ILE C 139 9.35 -15.50 10.44
CA ILE C 139 8.18 -15.43 9.57
C ILE C 139 6.95 -15.32 10.46
N ASN C 140 6.23 -14.20 10.35
CA ASN C 140 4.99 -14.03 11.09
C ASN C 140 3.81 -14.30 10.16
N ILE C 141 2.83 -15.05 10.62
CA ILE C 141 1.63 -15.29 9.83
C ILE C 141 0.60 -14.27 10.27
N SER C 142 0.31 -13.34 9.37
CA SER C 142 -0.65 -12.28 9.63
C SER C 142 -1.96 -12.63 8.93
N SER C 143 -2.59 -11.70 8.23
CA SER C 143 -3.81 -11.94 7.50
C SER C 143 -4.00 -10.77 6.54
N LEU C 144 -4.58 -11.07 5.37
CA LEU C 144 -5.00 -10.01 4.45
C LEU C 144 -5.87 -8.98 5.14
N VAL C 145 -6.70 -9.39 6.10
CA VAL C 145 -7.64 -8.43 6.69
C VAL C 145 -6.93 -7.38 7.53
N GLY C 146 -5.68 -7.61 7.93
CA GLY C 146 -4.93 -6.54 8.56
C GLY C 146 -4.66 -5.38 7.61
N ALA C 147 -4.58 -5.67 6.33
CA ALA C 147 -4.27 -4.69 5.29
C ALA C 147 -5.50 -4.00 4.74
N ILE C 148 -6.61 -4.71 4.57
CA ILE C 148 -7.78 -4.17 3.89
C ILE C 148 -9.03 -4.14 4.76
N GLY C 149 -8.95 -4.63 6.00
CA GLY C 149 -10.09 -4.71 6.87
C GLY C 149 -10.97 -5.90 6.56
N GLN C 150 -11.88 -6.16 7.48
CA GLN C 150 -12.92 -7.14 7.32
C GLN C 150 -14.09 -6.66 8.17
N ALA C 151 -15.29 -7.01 7.76
CA ALA C 151 -16.47 -6.71 8.57
C ALA C 151 -16.57 -7.68 9.75
N GLN C 152 -17.18 -7.20 10.84
CA GLN C 152 -17.46 -8.00 12.05
C GLN C 152 -16.21 -8.65 12.62
N ALA C 153 -15.12 -7.90 12.68
CA ALA C 153 -13.87 -8.44 13.19
C ALA C 153 -12.90 -7.36 13.69
N VAL C 154 -13.41 -6.34 14.40
CA VAL C 154 -12.54 -5.25 14.83
C VAL C 154 -11.35 -5.77 15.63
N PRO C 155 -11.52 -6.58 16.66
CA PRO C 155 -10.33 -7.04 17.39
C PRO C 155 -9.38 -7.86 16.56
N TYR C 156 -9.88 -8.79 15.76
CA TYR C 156 -8.97 -9.63 14.96
C TYR C 156 -8.18 -8.78 13.99
N VAL C 157 -8.86 -7.90 13.27
CA VAL C 157 -8.21 -7.03 12.29
C VAL C 157 -7.11 -6.19 12.96
N ALA C 158 -7.43 -5.61 14.11
CA ALA C 158 -6.42 -4.85 14.83
C ALA C 158 -5.19 -5.70 15.17
N THR C 159 -5.39 -6.93 15.65
CA THR C 159 -4.22 -7.74 16.02
C THR C 159 -3.36 -8.04 14.80
N LYS C 160 -3.97 -8.26 13.64
CA LYS C 160 -3.18 -8.60 12.46
C LYS C 160 -2.53 -7.35 11.85
N GLY C 161 -3.18 -6.19 11.92
CA GLY C 161 -2.48 -4.97 11.56
C GLY C 161 -1.26 -4.75 12.43
N ALA C 162 -1.38 -5.08 13.72
CA ALA C 162 -0.22 -4.97 14.61
C ALA C 162 0.89 -5.94 14.22
N VAL C 163 0.54 -7.19 13.89
CA VAL C 163 1.57 -8.18 13.54
C VAL C 163 2.33 -7.71 12.30
N THR C 164 1.60 -7.26 11.28
CA THR C 164 2.28 -6.84 10.05
C THR C 164 3.20 -5.65 10.30
N ALA C 165 2.72 -4.66 11.09
CA ALA C 165 3.55 -3.51 11.37
C ALA C 165 4.76 -3.90 12.21
N MET C 166 4.52 -4.73 13.22
CA MET C 166 5.61 -5.19 14.08
C MET C 166 6.68 -5.94 13.28
N THR C 167 6.28 -6.66 12.24
CA THR C 167 7.22 -7.34 11.36
C THR C 167 8.20 -6.33 10.78
N LYS C 168 7.67 -5.19 10.32
CA LYS C 168 8.52 -4.18 9.70
C LYS C 168 9.45 -3.53 10.71
N ALA C 169 8.94 -3.26 11.93
CA ALA C 169 9.77 -2.71 12.99
C ALA C 169 10.91 -3.67 13.36
N LEU C 170 10.58 -4.95 13.52
CA LEU C 170 11.58 -5.96 13.82
C LEU C 170 12.59 -6.10 12.70
N ALA C 171 12.13 -6.04 11.46
CA ALA C 171 13.05 -6.09 10.33
C ALA C 171 14.09 -4.98 10.42
N LEU C 172 13.66 -3.78 10.76
CA LEU C 172 14.60 -2.67 10.89
C LEU C 172 15.56 -2.89 12.05
N ASP C 173 15.08 -3.42 13.17
CA ASP C 173 15.94 -3.63 14.34
C ASP C 173 16.96 -4.74 14.12
N GLU C 174 16.62 -5.77 13.35
CA GLU C 174 17.45 -6.97 13.24
C GLU C 174 18.22 -7.08 11.94
N SER C 175 17.94 -6.23 10.97
CA SER C 175 18.75 -6.17 9.75
C SER C 175 20.25 -5.93 10.02
N PRO C 176 20.68 -5.20 11.06
CA PRO C 176 22.14 -5.07 11.28
C PRO C 176 22.83 -6.37 11.58
N TYR C 177 22.08 -7.36 12.01
CA TYR C 177 22.59 -8.66 12.32
C TYR C 177 22.36 -9.67 11.21
N GLY C 178 21.76 -9.25 10.10
CA GLY C 178 21.49 -10.17 9.02
C GLY C 178 20.31 -11.08 9.24
N VAL C 179 19.44 -10.75 10.19
CA VAL C 179 18.26 -11.53 10.51
C VAL C 179 17.08 -10.89 9.80
N ARG C 180 16.53 -11.60 8.82
CA ARG C 180 15.36 -11.16 8.08
C ARG C 180 14.09 -11.44 8.88
N VAL C 181 13.12 -10.55 8.76
CA VAL C 181 11.83 -10.69 9.43
C VAL C 181 10.76 -10.33 8.42
N ASN C 182 9.91 -11.29 8.08
CA ASN C 182 8.90 -11.14 7.04
C ASN C 182 7.56 -11.66 7.52
N CYS C 183 6.50 -11.34 6.82
CA CYS C 183 5.21 -11.92 7.14
C CYS C 183 4.51 -12.42 5.89
N ILE C 184 3.62 -13.37 6.13
CA ILE C 184 2.72 -13.91 5.13
C ILE C 184 1.32 -13.51 5.55
N SER C 185 0.55 -12.96 4.61
CA SER C 185 -0.83 -12.58 4.85
C SER C 185 -1.76 -13.47 4.05
N PRO C 186 -2.25 -14.58 4.63
CA PRO C 186 -3.23 -15.40 3.93
C PRO C 186 -4.58 -14.70 3.84
N GLY C 187 -5.32 -15.03 2.79
CA GLY C 187 -6.73 -14.68 2.71
C GLY C 187 -7.59 -15.82 3.21
N ASN C 188 -8.49 -16.30 2.37
CA ASN C 188 -9.35 -17.43 2.68
C ASN C 188 -8.62 -18.74 2.37
N ILE C 189 -8.27 -19.47 3.42
CA ILE C 189 -7.60 -20.76 3.33
C ILE C 189 -8.57 -21.81 3.88
N TRP C 190 -8.87 -22.83 3.07
CA TRP C 190 -9.81 -23.86 3.47
C TRP C 190 -9.16 -24.78 4.51
N THR C 191 -9.78 -24.85 5.68
CA THR C 191 -9.32 -25.60 6.82
C THR C 191 -10.55 -26.04 7.60
N PRO C 192 -10.39 -26.99 8.52
CA PRO C 192 -11.51 -27.27 9.44
C PRO C 192 -11.98 -26.04 10.21
N LEU C 193 -11.09 -25.11 10.54
CA LEU C 193 -11.53 -23.88 11.20
C LEU C 193 -12.45 -23.07 10.29
N TRP C 194 -12.08 -22.92 9.02
CA TRP C 194 -12.99 -22.24 8.09
C TRP C 194 -14.34 -22.95 8.06
N GLU C 195 -14.31 -24.29 8.01
CA GLU C 195 -15.53 -25.06 7.97
C GLU C 195 -16.37 -24.87 9.23
N GLU C 196 -15.70 -24.79 10.39
CA GLU C 196 -16.39 -24.58 11.65
C GLU C 196 -17.01 -23.19 11.74
N LEU C 197 -16.31 -22.19 11.21
CA LEU C 197 -16.90 -20.85 11.16
C LEU C 197 -18.11 -20.82 10.24
N ALA C 198 -18.03 -21.50 9.07
CA ALA C 198 -19.16 -21.52 8.15
C ALA C 198 -20.36 -22.25 8.75
N ALA C 199 -20.12 -23.30 9.55
CA ALA C 199 -21.21 -24.03 10.17
C ALA C 199 -22.03 -23.16 11.09
N LEU C 200 -21.46 -22.07 11.61
CA LEU C 200 -22.22 -21.16 12.47
C LEU C 200 -23.13 -20.22 11.69
N MET C 201 -22.99 -20.17 10.36
CA MET C 201 -23.73 -19.22 9.54
C MET C 201 -25.14 -19.74 9.26
N PRO C 202 -26.07 -18.84 8.91
CA PRO C 202 -27.45 -19.28 8.63
C PRO C 202 -27.54 -20.31 7.50
N ASP C 203 -26.70 -20.18 6.47
CA ASP C 203 -26.68 -21.10 5.33
C ASP C 203 -25.23 -21.45 5.05
N PRO C 204 -24.69 -22.49 5.71
CA PRO C 204 -23.27 -22.80 5.53
C PRO C 204 -22.84 -23.01 4.08
N ARG C 205 -23.64 -23.72 3.27
CA ARG C 205 -23.26 -23.94 1.88
C ARG C 205 -23.08 -22.61 1.14
N ALA C 206 -24.02 -21.69 1.35
CA ALA C 206 -23.93 -20.38 0.69
C ALA C 206 -22.72 -19.61 1.21
N SER C 207 -22.42 -19.72 2.50
CA SER C 207 -21.25 -19.03 3.06
C SER C 207 -19.96 -19.56 2.47
N ILE C 208 -19.86 -20.88 2.30
CA ILE C 208 -18.68 -21.48 1.68
C ILE C 208 -18.55 -21.01 0.23
N ARG C 209 -19.66 -20.98 -0.51
CA ARG C 209 -19.60 -20.50 -1.89
C ARG C 209 -19.19 -19.03 -1.95
N GLU C 210 -19.76 -18.18 -1.08
CA GLU C 210 -19.28 -16.80 -1.02
C GLU C 210 -17.79 -16.73 -0.72
N GLY C 211 -17.31 -17.57 0.19
CA GLY C 211 -15.89 -17.59 0.51
C GLY C 211 -15.03 -17.97 -0.67
N MET C 212 -15.49 -18.93 -1.48
CA MET C 212 -14.76 -19.31 -2.68
C MET C 212 -14.77 -18.20 -3.72
N LEU C 213 -15.91 -17.51 -3.88
CA LEU C 213 -16.02 -16.50 -4.92
C LEU C 213 -15.45 -15.16 -4.50
N ALA C 214 -14.94 -15.04 -3.27
CA ALA C 214 -14.26 -13.85 -2.84
C ALA C 214 -12.88 -13.70 -3.50
N GLN C 215 -12.39 -14.77 -4.14
CA GLN C 215 -11.13 -14.72 -4.86
C GLN C 215 -11.38 -14.76 -6.35
N PRO C 216 -10.68 -13.95 -7.13
CA PRO C 216 -10.80 -14.07 -8.60
C PRO C 216 -10.53 -15.49 -9.09
N LEU C 217 -9.63 -16.24 -8.42
CA LEU C 217 -9.36 -17.62 -8.83
C LEU C 217 -10.53 -18.55 -8.59
N GLY C 218 -11.52 -18.14 -7.78
CA GLY C 218 -12.74 -18.90 -7.62
C GLY C 218 -12.63 -20.09 -6.69
N ARG C 219 -11.56 -20.16 -5.91
CA ARG C 219 -11.38 -21.18 -4.90
C ARG C 219 -10.69 -20.53 -3.71
N MET C 220 -10.75 -21.23 -2.58
CA MET C 220 -9.93 -20.90 -1.43
C MET C 220 -8.56 -21.53 -1.54
N GLY C 221 -7.64 -21.04 -0.73
CA GLY C 221 -6.30 -21.58 -0.69
C GLY C 221 -6.17 -22.82 0.17
N GLN C 222 -5.00 -23.40 0.13
CA GLN C 222 -4.69 -24.59 0.92
C GLN C 222 -3.59 -24.31 1.93
N PRO C 223 -3.60 -25.00 3.06
CA PRO C 223 -2.46 -24.89 4.00
C PRO C 223 -1.11 -25.12 3.34
N ALA C 224 -1.04 -26.07 2.41
CA ALA C 224 0.21 -26.37 1.71
C ALA C 224 0.74 -25.17 0.95
N GLU C 225 -0.16 -24.29 0.47
CA GLU C 225 0.29 -23.14 -0.29
C GLU C 225 0.88 -22.09 0.66
N VAL C 226 0.27 -21.91 1.85
CA VAL C 226 0.91 -21.06 2.84
C VAL C 226 2.25 -21.65 3.25
N GLY C 227 2.32 -22.99 3.41
CA GLY C 227 3.57 -23.65 3.77
C GLY C 227 4.67 -23.43 2.75
N ALA C 228 4.34 -23.52 1.46
CA ALA C 228 5.35 -23.28 0.43
C ALA C 228 5.85 -21.83 0.46
N ALA C 229 4.94 -20.88 0.72
CA ALA C 229 5.39 -19.50 0.86
C ALA C 229 6.35 -19.33 2.02
N ALA C 230 6.09 -20.03 3.14
CA ALA C 230 6.99 -19.95 4.29
C ALA C 230 8.37 -20.56 3.97
N VAL C 231 8.40 -21.70 3.30
CA VAL C 231 9.68 -22.30 2.95
C VAL C 231 10.47 -21.38 2.03
N PHE C 232 9.77 -20.75 1.08
CA PHE C 232 10.43 -19.76 0.23
C PHE C 232 11.05 -18.63 1.06
N LEU C 233 10.27 -18.02 1.95
CA LEU C 233 10.81 -16.92 2.74
C LEU C 233 11.99 -17.35 3.59
N ALA C 234 11.96 -18.57 4.13
CA ALA C 234 13.06 -19.01 4.98
C ALA C 234 14.30 -19.31 4.15
N SER C 235 14.14 -20.00 3.01
CA SER C 235 15.27 -20.66 2.37
C SER C 235 15.80 -19.94 1.15
N GLU C 236 14.99 -19.11 0.48
CA GLU C 236 15.38 -18.54 -0.80
C GLU C 236 15.11 -17.06 -0.97
N ALA C 237 14.49 -16.41 0.00
CA ALA C 237 14.16 -15.00 -0.12
C ALA C 237 15.19 -14.14 0.60
N ASN C 238 16.46 -14.35 0.24
CA ASN C 238 17.55 -13.82 1.06
C ASN C 238 17.74 -12.32 0.95
N PHE C 239 17.08 -11.66 -0.01
CA PHE C 239 17.08 -10.20 -0.07
C PHE C 239 15.72 -9.61 0.30
N CYS C 240 14.85 -10.41 0.91
CA CYS C 240 13.55 -9.93 1.40
C CYS C 240 13.58 -9.75 2.91
N THR C 241 13.26 -8.55 3.37
CA THR C 241 13.00 -8.35 4.79
C THR C 241 11.94 -7.26 4.93
N GLY C 242 11.07 -7.44 5.92
CA GLY C 242 9.97 -6.52 6.10
C GLY C 242 8.88 -6.60 5.08
N ILE C 243 8.80 -7.69 4.28
CA ILE C 243 7.75 -7.79 3.27
C ILE C 243 6.51 -8.46 3.84
N GLU C 244 5.39 -8.19 3.18
CA GLU C 244 4.10 -8.83 3.42
C GLU C 244 3.78 -9.63 2.16
N LEU C 245 3.90 -10.95 2.25
CA LEU C 245 3.69 -11.84 1.11
C LEU C 245 2.22 -12.27 1.13
N LEU C 246 1.44 -11.78 0.16
CA LEU C 246 0.00 -12.05 0.09
C LEU C 246 -0.23 -13.43 -0.50
N VAL C 247 -0.98 -14.27 0.22
CA VAL C 247 -1.40 -15.59 -0.25
C VAL C 247 -2.93 -15.61 -0.17
N THR C 248 -3.55 -14.99 -1.17
CA THR C 248 -4.94 -14.58 -1.10
C THR C 248 -5.76 -14.92 -2.34
N GLY C 249 -5.14 -15.44 -3.39
CA GLY C 249 -5.90 -15.73 -4.58
C GLY C 249 -6.45 -14.52 -5.29
N GLY C 250 -5.90 -13.33 -5.01
CA GLY C 250 -6.35 -12.09 -5.63
C GLY C 250 -7.53 -11.41 -4.98
N ALA C 251 -7.90 -11.80 -3.76
CA ALA C 251 -9.10 -11.27 -3.12
C ALA C 251 -9.07 -9.75 -2.99
N GLU C 252 -7.89 -9.16 -2.88
CA GLU C 252 -7.76 -7.71 -2.73
C GLU C 252 -7.90 -6.94 -4.04
N LEU C 253 -7.99 -7.64 -5.18
CA LEU C 253 -8.01 -6.99 -6.48
C LEU C 253 -9.41 -6.68 -6.98
N GLY C 254 -9.53 -5.59 -7.72
CA GLY C 254 -10.76 -5.25 -8.40
C GLY C 254 -11.92 -4.89 -7.50
N TYR C 255 -13.01 -4.53 -8.18
CA TYR C 255 -14.28 -4.26 -7.52
C TYR C 255 -15.02 -5.55 -7.21
N GLY C 256 -15.81 -5.52 -6.12
CA GLY C 256 -16.66 -6.63 -5.79
C GLY C 256 -17.78 -6.13 -4.90
N CYS C 257 -18.63 -7.05 -4.46
CA CYS C 257 -19.81 -6.70 -3.64
C CYS C 257 -19.43 -6.41 -2.19
N LYS C 258 -19.57 -5.15 -1.76
CA LYS C 258 -19.20 -4.75 -0.41
C LYS C 258 -20.39 -4.22 0.40
N ALA C 259 -21.57 -4.11 -0.21
CA ALA C 259 -22.76 -3.68 0.49
C ALA C 259 -23.92 -4.58 0.07
N SER C 260 -24.94 -4.69 0.93
CA SER C 260 -26.12 -5.45 0.57
C SER C 260 -27.27 -4.50 0.24
N ARG C 261 -28.24 -5.04 -0.51
CA ARG C 261 -29.40 -4.27 -0.97
C ARG C 261 -30.06 -3.54 0.18
N PRO C 271 -28.16 7.13 -7.77
CA PRO C 271 -27.04 6.21 -7.53
C PRO C 271 -25.95 6.81 -6.63
N SER C 272 -25.87 8.14 -6.57
CA SER C 272 -24.89 8.80 -5.70
C SER C 272 -25.60 9.53 -4.55
N GLY D 6 18.06 -29.26 -9.83
CA GLY D 6 16.73 -29.16 -9.26
C GLY D 6 15.67 -29.69 -10.20
N THR D 7 14.48 -30.00 -9.67
CA THR D 7 13.39 -30.50 -10.48
C THR D 7 12.08 -29.75 -10.26
N ARG D 8 12.10 -28.63 -9.53
CA ARG D 8 10.84 -27.95 -9.23
C ARG D 8 10.12 -27.50 -10.49
N TYR D 9 10.83 -27.28 -11.59
CA TYR D 9 10.16 -26.85 -12.80
C TYR D 9 10.62 -27.72 -13.97
N ALA D 10 10.86 -28.99 -13.70
CA ALA D 10 11.32 -29.91 -14.73
C ALA D 10 10.23 -30.13 -15.77
N GLY D 11 10.63 -30.21 -17.03
CA GLY D 11 9.68 -30.45 -18.11
C GLY D 11 8.93 -29.22 -18.56
N LYS D 12 9.17 -28.07 -17.93
CA LYS D 12 8.47 -26.84 -18.24
C LYS D 12 9.31 -25.98 -19.19
N VAL D 13 8.61 -25.08 -19.87
CA VAL D 13 9.23 -24.18 -20.85
C VAL D 13 8.95 -22.75 -20.42
N VAL D 14 10.01 -21.95 -20.35
CA VAL D 14 9.98 -20.57 -19.85
C VAL D 14 10.56 -19.66 -20.92
N VAL D 15 9.90 -18.53 -21.17
CA VAL D 15 10.44 -17.46 -22.00
C VAL D 15 10.84 -16.33 -21.07
N VAL D 16 12.07 -15.81 -21.20
CA VAL D 16 12.52 -14.67 -20.42
C VAL D 16 12.93 -13.57 -21.40
N THR D 17 12.19 -12.47 -21.44
CA THR D 17 12.64 -11.33 -22.23
C THR D 17 13.65 -10.52 -21.42
N GLY D 18 14.59 -9.89 -22.12
CA GLY D 18 15.67 -9.22 -21.43
C GLY D 18 16.49 -10.15 -20.57
N GLY D 19 16.65 -11.39 -20.99
CA GLY D 19 17.33 -12.42 -20.24
C GLY D 19 18.82 -12.53 -20.45
N GLY D 20 19.43 -11.64 -21.23
CA GLY D 20 20.81 -11.81 -21.63
C GLY D 20 21.86 -11.58 -20.56
N ARG D 21 21.58 -10.75 -19.57
CA ARG D 21 22.56 -10.45 -18.53
C ARG D 21 21.86 -9.92 -17.29
N GLY D 22 22.65 -9.62 -16.26
CA GLY D 22 22.12 -8.95 -15.09
C GLY D 22 20.96 -9.69 -14.45
N ILE D 23 19.94 -8.93 -14.05
CA ILE D 23 18.77 -9.51 -13.41
C ILE D 23 18.15 -10.58 -14.30
N GLY D 24 18.01 -10.29 -15.59
CA GLY D 24 17.40 -11.25 -16.49
C GLY D 24 18.15 -12.56 -16.55
N ALA D 25 19.48 -12.51 -16.61
CA ALA D 25 20.27 -13.72 -16.65
C ALA D 25 20.16 -14.47 -15.33
N GLY D 26 20.01 -13.75 -14.21
CA GLY D 26 19.78 -14.43 -12.94
C GLY D 26 18.49 -15.21 -12.94
N ILE D 27 17.45 -14.66 -13.58
CA ILE D 27 16.20 -15.37 -13.74
C ILE D 27 16.37 -16.59 -14.63
N VAL D 28 17.03 -16.43 -15.78
CA VAL D 28 17.30 -17.57 -16.67
C VAL D 28 18.02 -18.68 -15.91
N ARG D 29 19.08 -18.32 -15.21
CA ARG D 29 19.88 -19.30 -14.49
C ARG D 29 19.05 -20.02 -13.43
N ALA D 30 18.22 -19.29 -12.68
CA ALA D 30 17.39 -19.93 -11.67
C ALA D 30 16.44 -20.94 -12.30
N PHE D 31 15.83 -20.59 -13.43
CA PHE D 31 14.91 -21.53 -14.06
C PHE D 31 15.64 -22.74 -14.64
N VAL D 32 16.79 -22.55 -15.28
CA VAL D 32 17.55 -23.71 -15.78
C VAL D 32 17.93 -24.63 -14.63
N ASN D 33 18.36 -24.05 -13.52
CA ASN D 33 18.76 -24.86 -12.36
C ASN D 33 17.57 -25.57 -11.72
N SER D 34 16.35 -25.17 -12.01
N SER D 34 16.35 -25.14 -12.02
CA SER D 34 15.18 -25.89 -11.53
CA SER D 34 15.14 -25.81 -11.56
C SER D 34 14.63 -26.84 -12.59
C SER D 34 14.65 -26.86 -12.56
N GLY D 35 15.37 -27.06 -13.66
CA GLY D 35 15.04 -28.10 -14.61
C GLY D 35 14.29 -27.64 -15.84
N ALA D 36 14.03 -26.34 -15.98
CA ALA D 36 13.23 -25.85 -17.08
C ALA D 36 14.07 -25.67 -18.34
N ARG D 37 13.37 -25.67 -19.47
CA ARG D 37 13.92 -25.19 -20.74
C ARG D 37 13.62 -23.70 -20.83
N VAL D 38 14.64 -22.87 -21.07
CA VAL D 38 14.47 -21.42 -21.02
C VAL D 38 14.84 -20.82 -22.37
N VAL D 39 13.91 -20.08 -22.95
CA VAL D 39 14.15 -19.35 -24.18
C VAL D 39 14.43 -17.89 -23.82
N ILE D 40 15.61 -17.40 -24.19
CA ILE D 40 16.00 -16.03 -23.96
C ILE D 40 15.58 -15.20 -25.17
N CYS D 41 14.73 -14.20 -24.96
CA CYS D 41 14.39 -13.23 -26.00
C CYS D 41 15.11 -11.94 -25.64
N ASP D 42 16.10 -11.55 -26.45
CA ASP D 42 16.78 -10.30 -26.16
C ASP D 42 17.42 -9.74 -27.42
N LYS D 43 17.65 -8.44 -27.41
CA LYS D 43 18.47 -7.79 -28.42
C LYS D 43 19.93 -7.81 -28.03
N ASP D 44 20.23 -8.14 -26.77
CA ASP D 44 21.59 -8.24 -26.25
C ASP D 44 22.14 -9.61 -26.63
N GLU D 45 22.65 -9.67 -27.86
CA GLU D 45 23.17 -10.90 -28.42
C GLU D 45 24.45 -11.32 -27.71
N SER D 46 25.33 -10.37 -27.40
CA SER D 46 26.55 -10.67 -26.66
C SER D 46 26.24 -11.43 -25.37
N GLY D 47 25.31 -10.93 -24.57
CA GLY D 47 25.02 -11.59 -23.32
C GLY D 47 24.20 -12.84 -23.50
N GLY D 48 23.23 -12.81 -24.40
CA GLY D 48 22.41 -13.98 -24.61
C GLY D 48 23.18 -15.18 -25.13
N ARG D 49 24.10 -14.93 -26.06
CA ARG D 49 24.94 -16.02 -26.56
C ARG D 49 25.89 -16.53 -25.48
N ALA D 50 26.43 -15.64 -24.66
CA ALA D 50 27.32 -16.08 -23.59
C ALA D 50 26.55 -16.93 -22.58
N LEU D 51 25.31 -16.54 -22.28
CA LEU D 51 24.52 -17.32 -21.35
C LEU D 51 24.15 -18.68 -21.92
N GLU D 52 23.78 -18.71 -23.21
CA GLU D 52 23.53 -19.96 -23.90
C GLU D 52 24.77 -20.84 -23.88
N GLN D 53 25.95 -20.25 -24.10
CA GLN D 53 27.18 -21.02 -24.04
C GLN D 53 27.37 -21.64 -22.66
N GLU D 54 27.00 -20.92 -21.61
CA GLU D 54 27.25 -21.40 -20.26
C GLU D 54 26.24 -22.47 -19.84
N LEU D 55 24.98 -22.33 -20.23
CA LEU D 55 23.88 -23.09 -19.65
C LEU D 55 23.18 -23.98 -20.67
N PRO D 56 23.38 -25.30 -20.65
CA PRO D 56 22.71 -26.18 -21.63
C PRO D 56 21.19 -26.02 -21.76
N GLY D 57 20.48 -25.77 -20.68
CA GLY D 57 19.02 -25.60 -20.78
C GLY D 57 18.53 -24.28 -21.41
N ALA D 58 19.42 -23.32 -21.64
CA ALA D 58 19.04 -22.04 -22.22
C ALA D 58 19.24 -22.02 -23.73
N VAL D 59 18.31 -21.35 -24.41
CA VAL D 59 18.32 -21.16 -25.86
C VAL D 59 18.18 -19.66 -26.13
N PHE D 60 19.05 -19.09 -26.96
CA PHE D 60 18.98 -17.67 -27.25
C PHE D 60 18.31 -17.41 -28.60
N ILE D 61 17.34 -16.50 -28.60
CA ILE D 61 16.72 -16.00 -29.83
C ILE D 61 16.87 -14.50 -29.86
N LEU D 62 17.51 -14.00 -30.90
CA LEU D 62 17.60 -12.57 -31.16
C LEU D 62 16.21 -12.03 -31.45
N CYS D 63 15.74 -11.14 -30.58
CA CYS D 63 14.31 -10.89 -30.48
C CYS D 63 14.10 -9.54 -29.82
N ASP D 64 13.35 -8.66 -30.49
CA ASP D 64 13.05 -7.30 -30.04
C ASP D 64 11.56 -7.24 -29.69
N VAL D 65 11.24 -7.15 -28.39
CA VAL D 65 9.85 -7.22 -27.98
C VAL D 65 9.01 -6.06 -28.49
N THR D 66 9.63 -4.98 -28.97
CA THR D 66 8.87 -3.87 -29.56
C THR D 66 8.46 -4.16 -30.99
N GLN D 67 8.92 -5.27 -31.58
CA GLN D 67 8.59 -5.62 -32.96
C GLN D 67 7.64 -6.79 -32.92
N GLU D 68 6.38 -6.55 -33.32
CA GLU D 68 5.36 -7.58 -33.21
C GLU D 68 5.75 -8.84 -33.98
N ASP D 69 6.39 -8.69 -35.13
CA ASP D 69 6.77 -9.89 -35.90
C ASP D 69 7.78 -10.74 -35.14
N ASP D 70 8.70 -10.11 -34.39
CA ASP D 70 9.64 -10.86 -33.57
C ASP D 70 8.93 -11.65 -32.49
N VAL D 71 7.94 -11.03 -31.85
CA VAL D 71 7.22 -11.68 -30.77
C VAL D 71 6.40 -12.84 -31.31
N LYS D 72 5.76 -12.65 -32.47
CA LYS D 72 5.00 -13.74 -33.06
C LYS D 72 5.90 -14.93 -33.35
N THR D 73 7.08 -14.66 -33.94
CA THR D 73 8.03 -15.72 -34.25
C THR D 73 8.59 -16.36 -32.99
N LEU D 74 8.84 -15.56 -31.95
CA LEU D 74 9.31 -16.09 -30.68
C LEU D 74 8.35 -17.14 -30.14
N VAL D 75 7.05 -16.82 -30.12
CA VAL D 75 6.07 -17.75 -29.57
C VAL D 75 5.94 -18.97 -30.46
N SER D 76 5.83 -18.79 -31.78
CA SER D 76 5.59 -19.94 -32.64
C SER D 76 6.81 -20.87 -32.65
N GLU D 77 8.01 -20.31 -32.59
CA GLU D 77 9.23 -21.14 -32.51
C GLU D 77 9.33 -21.86 -31.17
N THR D 78 8.97 -21.21 -30.08
CA THR D 78 8.99 -21.90 -28.79
C THR D 78 8.04 -23.08 -28.82
N ILE D 79 6.83 -22.90 -29.35
CA ILE D 79 5.89 -24.01 -29.41
C ILE D 79 6.35 -25.06 -30.42
N ARG D 80 6.88 -24.64 -31.57
CA ARG D 80 7.36 -25.61 -32.56
C ARG D 80 8.47 -26.47 -31.99
N ARG D 81 9.41 -25.85 -31.28
CA ARG D 81 10.57 -26.59 -30.83
C ARG D 81 10.31 -27.38 -29.57
N PHE D 82 9.48 -26.84 -28.66
CA PHE D 82 9.35 -27.41 -27.33
C PHE D 82 7.92 -27.83 -26.98
N GLY D 83 6.93 -27.50 -27.80
CA GLY D 83 5.59 -28.02 -27.70
C GLY D 83 4.69 -27.41 -26.64
N ARG D 84 5.18 -26.49 -25.82
CA ARG D 84 4.40 -25.95 -24.71
C ARG D 84 5.06 -24.66 -24.26
N LEU D 85 4.29 -23.90 -23.48
CA LEU D 85 4.80 -22.69 -22.85
C LEU D 85 4.14 -22.58 -21.48
N ASP D 86 4.95 -22.57 -20.42
CA ASP D 86 4.46 -22.59 -19.06
C ASP D 86 4.59 -21.27 -18.32
N CYS D 87 5.57 -20.45 -18.66
CA CYS D 87 5.84 -19.23 -17.92
C CYS D 87 6.48 -18.21 -18.85
N VAL D 88 5.98 -16.99 -18.79
CA VAL D 88 6.60 -15.85 -19.47
C VAL D 88 7.09 -14.90 -18.40
N VAL D 89 8.37 -14.58 -18.45
CA VAL D 89 8.97 -13.58 -17.57
C VAL D 89 9.31 -12.38 -18.42
N ASN D 90 8.64 -11.26 -18.17
CA ASN D 90 8.84 -10.02 -18.91
C ASN D 90 9.84 -9.17 -18.14
N ASN D 91 11.12 -9.29 -18.49
CA ASN D 91 12.17 -8.49 -17.88
C ASN D 91 12.74 -7.45 -18.84
N ALA D 92 12.37 -7.48 -20.10
CA ALA D 92 12.84 -6.44 -21.01
C ALA D 92 12.50 -5.06 -20.48
N GLY D 93 13.43 -4.14 -20.65
CA GLY D 93 13.21 -2.78 -20.18
C GLY D 93 14.52 -2.07 -19.96
N HIS D 94 14.46 -0.73 -20.04
N HIS D 94 14.48 -0.74 -20.07
CA HIS D 94 15.62 0.14 -19.97
CA HIS D 94 15.65 0.10 -19.91
C HIS D 94 15.41 1.20 -18.90
C HIS D 94 15.40 1.14 -18.84
N HIS D 95 16.46 1.50 -18.15
CA HIS D 95 16.44 2.63 -17.22
C HIS D 95 17.32 3.73 -17.80
N PRO D 96 16.76 4.85 -18.24
CA PRO D 96 17.58 5.94 -18.77
C PRO D 96 18.47 6.51 -17.69
N PRO D 97 19.50 7.26 -18.07
CA PRO D 97 20.30 7.99 -17.08
C PRO D 97 19.44 9.01 -16.36
N PRO D 98 19.92 9.54 -15.24
CA PRO D 98 19.13 10.56 -14.51
C PRO D 98 18.78 11.72 -15.42
N GLN D 99 17.52 12.11 -15.39
CA GLN D 99 17.01 13.19 -16.23
C GLN D 99 15.92 13.92 -15.44
N ARG D 100 16.11 15.22 -15.26
CA ARG D 100 15.07 16.06 -14.69
C ARG D 100 13.92 16.17 -15.69
N PRO D 101 12.72 16.51 -15.23
CA PRO D 101 11.58 16.57 -16.17
C PRO D 101 11.88 17.38 -17.42
N GLU D 102 12.53 18.53 -17.27
CA GLU D 102 12.88 19.38 -18.41
C GLU D 102 13.89 18.76 -19.35
N GLU D 103 14.65 17.77 -18.90
CA GLU D 103 15.60 17.08 -19.75
C GLU D 103 15.00 15.87 -20.45
N THR D 104 13.72 15.59 -20.26
CA THR D 104 13.04 14.51 -20.96
C THR D 104 12.22 15.09 -22.11
N SER D 105 11.85 14.22 -23.05
CA SER D 105 10.97 14.59 -24.14
C SER D 105 9.80 13.61 -24.24
N ALA D 106 8.70 14.09 -24.83
CA ALA D 106 7.59 13.19 -25.12
C ALA D 106 8.04 12.05 -26.03
N GLN D 107 8.92 12.34 -26.99
CA GLN D 107 9.35 11.27 -27.90
C GLN D 107 10.12 10.21 -27.14
N GLY D 108 11.02 10.62 -26.24
CA GLY D 108 11.73 9.64 -25.43
C GLY D 108 10.82 8.85 -24.50
N PHE D 109 9.83 9.53 -23.92
CA PHE D 109 8.84 8.87 -23.06
C PHE D 109 8.08 7.80 -23.85
N ARG D 110 7.66 8.14 -25.08
CA ARG D 110 6.98 7.16 -25.92
C ARG D 110 7.86 5.96 -26.20
N GLN D 111 9.13 6.21 -26.54
CA GLN D 111 10.06 5.11 -26.82
C GLN D 111 10.21 4.22 -25.59
N LEU D 112 10.27 4.83 -24.40
CA LEU D 112 10.44 4.03 -23.20
C LEU D 112 9.18 3.23 -22.88
N LEU D 113 8.00 3.79 -23.14
CA LEU D 113 6.77 3.03 -22.99
C LEU D 113 6.73 1.85 -23.96
N GLU D 114 7.24 2.03 -25.18
CA GLU D 114 7.24 0.92 -26.13
C GLU D 114 8.01 -0.26 -25.57
N LEU D 115 9.20 0.00 -25.04
CA LEU D 115 10.05 -1.10 -24.58
C LEU D 115 9.56 -1.64 -23.23
N ASN D 116 9.29 -0.75 -22.29
CA ASN D 116 9.11 -1.18 -20.91
C ASN D 116 7.70 -1.67 -20.64
N LEU D 117 6.71 -1.18 -21.40
CA LEU D 117 5.31 -1.53 -21.16
C LEU D 117 4.68 -2.28 -22.32
N LEU D 118 4.75 -1.74 -23.54
CA LEU D 118 4.00 -2.35 -24.61
C LEU D 118 4.63 -3.67 -25.08
N GLY D 119 5.95 -3.83 -24.93
CA GLY D 119 6.55 -5.12 -25.23
C GLY D 119 6.02 -6.21 -24.33
N THR D 120 5.90 -5.91 -23.04
CA THR D 120 5.29 -6.84 -22.10
C THR D 120 3.84 -7.15 -22.49
N TYR D 121 3.08 -6.12 -22.86
CA TYR D 121 1.70 -6.31 -23.29
C TYR D 121 1.63 -7.25 -24.49
N THR D 122 2.44 -7.01 -25.52
CA THR D 122 2.32 -7.77 -26.76
C THR D 122 2.66 -9.24 -26.53
N LEU D 123 3.78 -9.52 -25.88
CA LEU D 123 4.16 -10.92 -25.66
C LEU D 123 3.12 -11.61 -24.80
N THR D 124 2.69 -10.96 -23.72
CA THR D 124 1.71 -11.59 -22.85
C THR D 124 0.46 -11.95 -23.64
N LYS D 125 -0.04 -11.02 -24.45
CA LYS D 125 -1.24 -11.30 -25.25
C LYS D 125 -1.03 -12.50 -26.18
N LEU D 126 0.10 -12.53 -26.89
CA LEU D 126 0.32 -13.63 -27.83
C LEU D 126 0.58 -14.96 -27.12
N ALA D 127 1.10 -14.93 -25.89
CA ALA D 127 1.38 -16.15 -25.16
C ALA D 127 0.15 -16.74 -24.48
N LEU D 128 -0.88 -15.94 -24.23
CA LEU D 128 -1.96 -16.39 -23.39
C LEU D 128 -2.65 -17.67 -23.88
N PRO D 129 -2.86 -17.88 -25.17
CA PRO D 129 -3.51 -19.13 -25.58
C PRO D 129 -2.75 -20.36 -25.10
N TYR D 130 -1.41 -20.29 -25.15
CA TYR D 130 -0.57 -21.41 -24.75
C TYR D 130 -0.48 -21.52 -23.24
N LEU D 131 -0.42 -20.39 -22.55
CA LEU D 131 -0.43 -20.42 -21.09
C LEU D 131 -1.73 -21.00 -20.55
N ARG D 132 -2.85 -20.70 -21.21
CA ARG D 132 -4.11 -21.33 -20.79
C ARG D 132 -4.05 -22.84 -20.92
N LYS D 133 -3.45 -23.35 -21.99
CA LYS D 133 -3.39 -24.80 -22.19
C LYS D 133 -2.59 -25.46 -21.10
N SER D 134 -1.50 -24.82 -20.65
CA SER D 134 -0.62 -25.40 -19.66
C SER D 134 -0.96 -24.99 -18.24
N GLN D 135 -1.98 -24.16 -18.06
CA GLN D 135 -2.25 -23.52 -16.76
C GLN D 135 -0.96 -22.87 -16.24
N GLY D 136 -0.31 -22.16 -17.15
CA GLY D 136 0.93 -21.47 -16.88
C GLY D 136 0.71 -20.12 -16.21
N ASN D 137 1.75 -19.29 -16.23
CA ASN D 137 1.72 -18.04 -15.48
C ASN D 137 2.63 -17.01 -16.11
N VAL D 138 2.37 -15.75 -15.76
CA VAL D 138 3.14 -14.60 -16.22
C VAL D 138 3.79 -13.93 -15.02
N ILE D 139 5.06 -13.57 -15.16
CA ILE D 139 5.82 -12.82 -14.16
C ILE D 139 6.38 -11.57 -14.83
N ASN D 140 5.95 -10.41 -14.38
CA ASN D 140 6.48 -9.15 -14.87
C ASN D 140 7.49 -8.61 -13.89
N ILE D 141 8.64 -8.16 -14.40
CA ILE D 141 9.64 -7.54 -13.53
C ILE D 141 9.43 -6.04 -13.57
N SER D 142 9.00 -5.51 -12.45
CA SER D 142 8.74 -4.08 -12.32
C SER D 142 9.91 -3.44 -11.59
N SER D 143 9.65 -2.56 -10.62
CA SER D 143 10.70 -1.89 -9.86
C SER D 143 10.05 -1.28 -8.64
N LEU D 144 10.80 -1.25 -7.53
CA LEU D 144 10.34 -0.54 -6.34
C LEU D 144 10.02 0.92 -6.68
N VAL D 145 10.71 1.52 -7.65
CA VAL D 145 10.47 2.94 -7.91
C VAL D 145 9.11 3.17 -8.54
N GLY D 146 8.48 2.13 -9.09
CA GLY D 146 7.10 2.26 -9.56
C GLY D 146 6.12 2.48 -8.43
N ALA D 147 6.44 1.96 -7.24
CA ALA D 147 5.59 2.03 -6.06
C ALA D 147 5.82 3.28 -5.23
N ILE D 148 7.05 3.76 -5.09
CA ILE D 148 7.36 4.88 -4.22
C ILE D 148 8.03 6.02 -4.92
N GLY D 149 8.28 5.91 -6.23
CA GLY D 149 8.94 6.95 -6.96
C GLY D 149 10.45 6.95 -6.83
N GLN D 150 11.05 7.77 -7.68
CA GLN D 150 12.46 8.10 -7.68
C GLN D 150 12.60 9.47 -8.32
N ALA D 151 13.60 10.25 -7.90
CA ALA D 151 13.91 11.50 -8.56
C ALA D 151 14.63 11.26 -9.89
N GLN D 152 14.51 12.25 -10.78
CA GLN D 152 15.21 12.27 -12.06
C GLN D 152 14.89 11.04 -12.90
N ALA D 153 13.63 10.62 -12.87
CA ALA D 153 13.22 9.45 -13.63
C ALA D 153 11.74 9.41 -13.92
N VAL D 154 11.14 10.54 -14.29
CA VAL D 154 9.70 10.57 -14.52
C VAL D 154 9.28 9.51 -15.52
N PRO D 155 9.88 9.41 -16.71
CA PRO D 155 9.41 8.36 -17.63
C PRO D 155 9.59 6.96 -17.10
N TYR D 156 10.74 6.63 -16.53
CA TYR D 156 10.95 5.26 -16.05
C TYR D 156 9.94 4.88 -14.98
N VAL D 157 9.76 5.77 -14.00
CA VAL D 157 8.83 5.51 -12.90
C VAL D 157 7.43 5.28 -13.45
N ALA D 158 7.00 6.13 -14.38
CA ALA D 158 5.68 5.95 -14.98
C ALA D 158 5.56 4.58 -15.65
N THR D 159 6.58 4.16 -16.39
CA THR D 159 6.47 2.87 -17.07
C THR D 159 6.34 1.72 -16.06
N LYS D 160 7.06 1.80 -14.95
CA LYS D 160 7.01 0.70 -13.99
C LYS D 160 5.73 0.73 -13.15
N GLY D 161 5.19 1.92 -12.85
CA GLY D 161 3.86 1.98 -12.27
C GLY D 161 2.82 1.35 -13.17
N ALA D 162 2.95 1.56 -14.48
CA ALA D 162 2.03 0.93 -15.43
C ALA D 162 2.17 -0.59 -15.42
N VAL D 163 3.40 -1.10 -15.40
CA VAL D 163 3.61 -2.55 -15.39
C VAL D 163 2.97 -3.19 -14.17
N THR D 164 3.18 -2.61 -12.99
CA THR D 164 2.62 -3.20 -11.78
C THR D 164 1.09 -3.17 -11.82
N ALA D 165 0.50 -2.06 -12.29
CA ALA D 165 -0.95 -2.00 -12.38
C ALA D 165 -1.49 -2.97 -13.42
N MET D 166 -0.84 -3.03 -14.58
CA MET D 166 -1.27 -3.93 -15.65
C MET D 166 -1.24 -5.39 -15.18
N THR D 167 -0.25 -5.73 -14.35
CA THR D 167 -0.17 -7.06 -13.76
C THR D 167 -1.46 -7.41 -13.04
N LYS D 168 -1.99 -6.47 -12.24
CA LYS D 168 -3.21 -6.71 -11.49
C LYS D 168 -4.43 -6.84 -12.40
N ALA D 169 -4.50 -6.01 -13.45
CA ALA D 169 -5.59 -6.09 -14.41
C ALA D 169 -5.57 -7.43 -15.13
N LEU D 170 -4.40 -7.84 -15.58
CA LEU D 170 -4.26 -9.13 -16.26
C LEU D 170 -4.59 -10.29 -15.34
N ALA D 171 -4.17 -10.19 -14.08
CA ALA D 171 -4.50 -11.22 -13.12
C ALA D 171 -6.00 -11.41 -13.01
N LEU D 172 -6.75 -10.31 -12.96
CA LEU D 172 -8.20 -10.42 -12.92
C LEU D 172 -8.74 -11.06 -14.19
N ASP D 173 -8.25 -10.62 -15.36
CA ASP D 173 -8.80 -11.12 -16.62
C ASP D 173 -8.50 -12.59 -16.86
N GLU D 174 -7.37 -13.09 -16.36
CA GLU D 174 -6.97 -14.45 -16.68
C GLU D 174 -7.26 -15.43 -15.54
N SER D 175 -7.71 -14.92 -14.39
CA SER D 175 -8.08 -15.79 -13.28
C SER D 175 -9.13 -16.85 -13.63
N PRO D 176 -10.14 -16.59 -14.48
CA PRO D 176 -11.10 -17.66 -14.78
C PRO D 176 -10.49 -18.83 -15.49
N TYR D 177 -9.32 -18.65 -16.09
CA TYR D 177 -8.63 -19.73 -16.80
C TYR D 177 -7.56 -20.37 -15.96
N GLY D 178 -7.38 -19.92 -14.73
CA GLY D 178 -6.36 -20.45 -13.87
C GLY D 178 -4.95 -20.00 -14.19
N VAL D 179 -4.80 -18.93 -14.97
CA VAL D 179 -3.50 -18.39 -15.36
C VAL D 179 -3.19 -17.25 -14.40
N ARG D 180 -2.16 -17.43 -13.58
CA ARG D 180 -1.73 -16.42 -12.62
C ARG D 180 -0.81 -15.40 -13.28
N VAL D 181 -0.91 -14.15 -12.82
CA VAL D 181 -0.10 -13.05 -13.34
C VAL D 181 0.40 -12.25 -12.14
N ASN D 182 1.72 -12.24 -11.95
CA ASN D 182 2.33 -11.62 -10.77
C ASN D 182 3.50 -10.74 -11.19
N CYS D 183 3.96 -9.88 -10.28
CA CYS D 183 5.16 -9.12 -10.59
C CYS D 183 6.13 -9.14 -9.42
N ILE D 184 7.40 -8.93 -9.77
CA ILE D 184 8.50 -8.78 -8.82
C ILE D 184 9.01 -7.36 -8.94
N SER D 185 9.19 -6.67 -7.81
CA SER D 185 9.71 -5.31 -7.79
C SER D 185 11.08 -5.28 -7.12
N PRO D 186 12.15 -5.34 -7.90
CA PRO D 186 13.48 -5.27 -7.28
C PRO D 186 13.81 -3.86 -6.80
N GLY D 187 14.66 -3.81 -5.78
CA GLY D 187 15.32 -2.60 -5.38
C GLY D 187 16.70 -2.48 -6.01
N ASN D 188 17.74 -2.33 -5.19
CA ASN D 188 19.11 -2.15 -5.68
C ASN D 188 19.77 -3.52 -5.86
N ILE D 189 19.98 -3.91 -7.11
CA ILE D 189 20.57 -5.20 -7.43
C ILE D 189 21.95 -4.99 -8.03
N TRP D 190 22.95 -5.63 -7.43
CA TRP D 190 24.30 -5.61 -7.95
C TRP D 190 24.37 -6.29 -9.31
N THR D 191 25.15 -5.71 -10.20
CA THR D 191 25.47 -6.32 -11.48
C THR D 191 26.92 -6.01 -11.82
N PRO D 192 27.50 -6.71 -12.80
CA PRO D 192 28.82 -6.33 -13.30
C PRO D 192 28.88 -4.91 -13.81
N LEU D 193 27.81 -4.41 -14.45
CA LEU D 193 27.79 -3.01 -14.85
C LEU D 193 27.93 -2.08 -13.64
N TRP D 194 27.17 -2.34 -12.58
CA TRP D 194 27.28 -1.52 -11.37
C TRP D 194 28.72 -1.49 -10.86
N GLU D 195 29.37 -2.65 -10.82
CA GLU D 195 30.75 -2.75 -10.35
C GLU D 195 31.70 -1.94 -11.23
N GLU D 196 31.52 -2.00 -12.55
CA GLU D 196 32.37 -1.23 -13.45
C GLU D 196 32.17 0.27 -13.23
N LEU D 197 30.91 0.70 -13.10
CA LEU D 197 30.66 2.13 -12.89
C LEU D 197 31.21 2.60 -11.55
N ALA D 198 31.12 1.76 -10.52
CA ALA D 198 31.63 2.18 -9.22
C ALA D 198 33.12 2.42 -9.28
N ALA D 199 33.83 1.65 -10.11
CA ALA D 199 35.28 1.76 -10.18
C ALA D 199 35.72 3.09 -10.77
N LEU D 200 34.82 3.81 -11.43
CA LEU D 200 35.12 5.10 -12.03
C LEU D 200 34.67 6.28 -11.20
N MET D 201 34.11 6.04 -10.01
CA MET D 201 33.68 7.11 -9.14
C MET D 201 34.88 7.78 -8.47
N PRO D 202 34.71 9.02 -8.01
CA PRO D 202 35.82 9.68 -7.33
C PRO D 202 36.39 8.87 -6.18
N ASP D 203 35.53 8.18 -5.41
CA ASP D 203 35.95 7.34 -4.29
C ASP D 203 35.20 6.02 -4.42
N PRO D 204 35.74 5.04 -5.15
CA PRO D 204 35.00 3.78 -5.32
C PRO D 204 34.60 3.11 -4.01
N ARG D 205 35.50 3.06 -3.02
CA ARG D 205 35.15 2.41 -1.75
C ARG D 205 33.93 3.05 -1.13
N ALA D 206 33.90 4.39 -1.10
CA ALA D 206 32.76 5.11 -0.52
C ALA D 206 31.50 4.90 -1.33
N SER D 207 31.60 4.91 -2.67
N SER D 207 31.61 4.90 -2.66
CA SER D 207 30.43 4.70 -3.51
CA SER D 207 30.43 4.71 -3.51
C SER D 207 29.86 3.30 -3.30
C SER D 207 29.86 3.31 -3.33
N ILE D 208 30.73 2.31 -3.19
CA ILE D 208 30.29 0.94 -2.95
C ILE D 208 29.61 0.83 -1.60
N ARG D 209 30.22 1.40 -0.55
CA ARG D 209 29.63 1.33 0.79
C ARG D 209 28.28 2.03 0.81
N GLU D 210 28.16 3.17 0.13
CA GLU D 210 26.88 3.87 0.10
C GLU D 210 25.82 3.01 -0.56
N GLY D 211 26.17 2.32 -1.65
CA GLY D 211 25.20 1.45 -2.30
C GLY D 211 24.78 0.30 -1.39
N MET D 212 25.71 -0.25 -0.63
CA MET D 212 25.38 -1.35 0.27
C MET D 212 24.49 -0.90 1.42
N LEU D 213 24.69 0.31 1.93
CA LEU D 213 23.92 0.83 3.06
C LEU D 213 22.61 1.49 2.64
N ALA D 214 22.28 1.48 1.35
CA ALA D 214 21.03 2.06 0.87
C ALA D 214 19.80 1.26 1.25
N GLN D 215 19.94 0.09 1.86
CA GLN D 215 18.81 -0.69 2.34
C GLN D 215 19.19 -1.33 3.67
N PRO D 216 18.20 -1.60 4.53
CA PRO D 216 18.49 -2.16 5.85
C PRO D 216 19.37 -3.39 5.86
N LEU D 217 19.27 -4.29 4.88
CA LEU D 217 20.11 -5.49 4.94
C LEU D 217 21.60 -5.21 4.79
N GLY D 218 21.97 -4.01 4.38
CA GLY D 218 23.38 -3.65 4.41
C GLY D 218 24.20 -4.22 3.28
N ARG D 219 23.54 -4.77 2.27
CA ARG D 219 24.18 -5.17 1.03
C ARG D 219 23.19 -4.95 -0.09
N MET D 220 23.70 -4.95 -1.31
CA MET D 220 22.83 -4.96 -2.47
C MET D 220 22.35 -6.37 -2.75
N GLY D 221 21.27 -6.47 -3.51
CA GLY D 221 20.74 -7.75 -3.89
C GLY D 221 21.53 -8.35 -5.03
N GLN D 222 21.25 -9.60 -5.30
CA GLN D 222 21.89 -10.32 -6.38
C GLN D 222 20.87 -10.78 -7.42
N PRO D 223 21.28 -10.87 -8.68
CA PRO D 223 20.36 -11.42 -9.70
C PRO D 223 19.77 -12.77 -9.32
N ALA D 224 20.57 -13.64 -8.68
CA ALA D 224 20.07 -14.94 -8.25
C ALA D 224 18.88 -14.82 -7.30
N GLU D 225 18.83 -13.76 -6.51
CA GLU D 225 17.74 -13.58 -5.55
C GLU D 225 16.47 -13.19 -6.29
N VAL D 226 16.58 -12.35 -7.32
CA VAL D 226 15.41 -12.10 -8.16
C VAL D 226 14.97 -13.37 -8.84
N GLY D 227 15.95 -14.15 -9.33
CA GLY D 227 15.65 -15.41 -10.00
C GLY D 227 14.91 -16.39 -9.11
N ALA D 228 15.35 -16.52 -7.85
CA ALA D 228 14.68 -17.41 -6.91
C ALA D 228 13.24 -16.96 -6.65
N ALA D 229 13.01 -15.66 -6.57
CA ALA D 229 11.65 -15.17 -6.40
C ALA D 229 10.78 -15.52 -7.61
N ALA D 230 11.35 -15.46 -8.81
CA ALA D 230 10.60 -15.84 -10.00
C ALA D 230 10.29 -17.34 -10.03
N VAL D 231 11.26 -18.19 -9.68
CA VAL D 231 10.98 -19.62 -9.65
C VAL D 231 9.90 -19.92 -8.63
N PHE D 232 9.92 -19.24 -7.48
CA PHE D 232 8.84 -19.42 -6.50
C PHE D 232 7.49 -19.07 -7.11
N LEU D 233 7.38 -17.91 -7.74
CA LEU D 233 6.10 -17.50 -8.31
C LEU D 233 5.62 -18.47 -9.37
N ALA D 234 6.55 -19.01 -10.17
CA ALA D 234 6.13 -19.91 -11.24
C ALA D 234 5.73 -21.27 -10.69
N SER D 235 6.49 -21.81 -9.74
CA SER D 235 6.43 -23.24 -9.43
C SER D 235 5.68 -23.58 -8.15
N GLU D 236 5.56 -22.65 -7.20
CA GLU D 236 5.04 -22.96 -5.88
C GLU D 236 4.01 -21.98 -5.35
N ALA D 237 3.70 -20.92 -6.06
CA ALA D 237 2.83 -19.87 -5.57
C ALA D 237 1.44 -19.98 -6.20
N ASN D 238 0.83 -21.16 -6.09
CA ASN D 238 -0.37 -21.48 -6.87
C ASN D 238 -1.62 -20.74 -6.43
N PHE D 239 -1.60 -20.11 -5.26
CA PHE D 239 -2.69 -19.25 -4.79
C PHE D 239 -2.31 -17.78 -4.84
N CYS D 240 -1.20 -17.42 -5.48
CA CYS D 240 -0.82 -16.02 -5.63
C CYS D 240 -1.10 -15.55 -7.05
N THR D 241 -1.92 -14.50 -7.17
CA THR D 241 -2.09 -13.83 -8.44
C THR D 241 -2.32 -12.35 -8.18
N GLY D 242 -1.75 -11.52 -9.07
CA GLY D 242 -1.79 -10.09 -8.90
C GLY D 242 -0.96 -9.53 -7.76
N ILE D 243 0.05 -10.29 -7.26
CA ILE D 243 0.87 -9.76 -6.18
C ILE D 243 2.08 -9.02 -6.74
N GLU D 244 2.61 -8.14 -5.91
CA GLU D 244 3.86 -7.45 -6.12
C GLU D 244 4.84 -7.94 -5.06
N LEU D 245 5.81 -8.76 -5.48
CA LEU D 245 6.78 -9.36 -4.58
C LEU D 245 8.01 -8.45 -4.52
N LEU D 246 8.21 -7.80 -3.38
CA LEU D 246 9.31 -6.85 -3.20
C LEU D 246 10.61 -7.60 -2.94
N VAL D 247 11.64 -7.30 -3.73
CA VAL D 247 12.98 -7.88 -3.53
C VAL D 247 13.95 -6.70 -3.42
N THR D 248 13.97 -6.07 -2.24
CA THR D 248 14.54 -4.76 -2.04
C THR D 248 15.44 -4.65 -0.83
N GLY D 249 15.56 -5.70 -0.02
CA GLY D 249 16.35 -5.60 1.18
C GLY D 249 15.81 -4.65 2.23
N GLY D 250 14.53 -4.31 2.14
CA GLY D 250 13.89 -3.38 3.07
C GLY D 250 13.96 -1.93 2.70
N ALA D 251 14.32 -1.60 1.46
CA ALA D 251 14.57 -0.19 1.11
C ALA D 251 13.35 0.71 1.33
N GLU D 252 12.14 0.18 1.18
CA GLU D 252 10.92 0.96 1.33
C GLU D 252 10.54 1.19 2.78
N LEU D 253 11.23 0.56 3.72
CA LEU D 253 10.91 0.66 5.15
C LEU D 253 11.45 1.96 5.70
N GLY D 254 10.93 2.33 6.87
CA GLY D 254 11.38 3.52 7.60
C GLY D 254 12.81 3.45 8.09
N TYR D 255 13.73 3.32 7.15
CA TYR D 255 15.15 3.12 7.41
C TYR D 255 15.95 4.39 7.20
N LYS D 258 14.05 7.64 5.37
CA LYS D 258 12.67 7.39 5.76
C LYS D 258 12.51 7.10 7.24
N ALA D 259 13.59 7.19 8.00
CA ALA D 259 13.49 6.94 9.44
C ALA D 259 12.77 8.09 10.10
N SER D 260 11.96 7.77 11.11
CA SER D 260 11.18 8.78 11.78
C SER D 260 12.07 9.78 12.51
N ARG D 261 11.71 11.05 12.40
CA ARG D 261 12.32 12.13 13.16
C ARG D 261 11.26 12.82 14.01
N SER D 262 10.32 12.03 14.55
CA SER D 262 9.38 12.58 15.51
C SER D 262 10.09 13.04 16.79
N THR D 263 11.31 12.57 17.02
CA THR D 263 12.27 13.17 17.93
C THR D 263 13.59 13.36 17.20
N PRO D 264 14.36 14.41 17.54
CA PRO D 264 15.61 14.73 16.81
C PRO D 264 16.56 13.53 16.69
#